data_4HM0
#
_entry.id   4HM0
#
_cell.length_a   140.682
_cell.length_b   140.682
_cell.length_c   207.829
_cell.angle_alpha   90.000
_cell.angle_beta   90.000
_cell.angle_gamma   120.000
#
_symmetry.space_group_name_H-M   'H 3 2'
#
loop_
_entity.id
_entity.type
_entity.pdbx_description
1 polymer 'Naphthalene 1,2-dioxygenase subunit alpha'
2 polymer 'Naphthalene 1,2-dioxygenase subunit beta'
3 non-polymer 1,2-ETHANEDIOL
4 non-polymer 'FE (III) ION'
5 non-polymer '1H-INDOL-3-YLACETIC ACID'
6 non-polymer 'SULFATE ION'
7 non-polymer 'FE2/S2 (INORGANIC) CLUSTER'
8 water water
#
loop_
_entity_poly.entity_id
_entity_poly.type
_entity_poly.pdbx_seq_one_letter_code
_entity_poly.pdbx_strand_id
1 'polypeptide(L)'
;MNYNNKILVSESGLSQKHLIHGDEELFQHELKTIFARNWLFLTHDSLIPAPGDYVTAKMGIDEVIVSRQNDGSIRAFLNV
CRHRGKTLVSVEAGNAKGFVCSYHGWGFGSNGELQSVPFEKDLYGESLNKKCLGLKEVARVESFHGFIYGCFDQEAPPLM
DYLGDAAWYLEPMFKHSGGLELVGPPGKVVIKANWKAPAENFVGDAYHVGWTHASSLRSGESIFSSLAGNAALPPEGAGL
QMTSKYGSGMGVLWDGYSGVHSADLVPELMAFGGAKQERLNKEIGDVRARIYRSHLNCTVFPNNSMLTCSGVFKVWNPID
ANTTEVWTYAIVEKDMPEDLKRRLADSVQRTFGPAGFWESDDNDNMETASQNGKKYQSRDSDLLSNLGFGEDVYGDAVYP
GVVGKSAIGETSYRGFYRAYQAHVSSSNWAEFEHASSTWHTELTKTTDR
;
A
2 'polypeptide(L)'
;MMINIQEDKLVSAHDAEEILRFFNCHDSALQQEATTLLTQEAHLLDIQAYRAWLEHCVGSEVQYQVISRELRAASERRYK
LNEAMNVYNENFQQLKVRVEHQLDPQNWGNSPKLRFTRFITNVQAAMDVNDKELLHIRSNVILHRARRGNQVDVFYAARE
DKWKRGEGGVRKLVQRFVDYPERILQTHNLMVFL
;
B
#
# COMPACT_ATOMS: atom_id res chain seq x y z
N MET A 1 7.45 -12.58 -29.71
CA MET A 1 6.72 -11.37 -30.04
C MET A 1 7.71 -10.24 -30.36
N ASN A 2 7.49 -9.57 -31.48
CA ASN A 2 8.31 -8.43 -31.91
C ASN A 2 7.74 -7.13 -31.34
N TYR A 3 8.37 -6.59 -30.30
CA TYR A 3 7.83 -5.44 -29.58
C TYR A 3 7.97 -4.11 -30.31
N ASN A 4 8.78 -4.11 -31.37
CA ASN A 4 8.89 -2.95 -32.24
C ASN A 4 7.64 -2.74 -33.11
N ASN A 5 7.07 -3.86 -33.55
CA ASN A 5 5.96 -3.84 -34.50
C ASN A 5 4.58 -4.13 -33.89
N LYS A 6 4.53 -5.07 -32.94
CA LYS A 6 3.26 -5.51 -32.37
C LYS A 6 2.47 -4.38 -31.71
N ILE A 7 1.22 -4.21 -32.13
CA ILE A 7 0.35 -3.21 -31.53
C ILE A 7 -0.35 -3.81 -30.32
N LEU A 8 0.16 -3.47 -29.14
CA LEU A 8 -0.43 -3.90 -27.87
C LEU A 8 -1.45 -2.88 -27.39
N VAL A 9 -1.23 -1.61 -27.77
CA VAL A 9 -2.15 -0.52 -27.45
C VAL A 9 -2.47 0.19 -28.76
N SER A 10 -3.75 0.32 -29.09
CA SER A 10 -4.15 0.92 -30.36
C SER A 10 -3.98 2.44 -30.31
N GLU A 11 -4.10 3.09 -31.47
CA GLU A 11 -3.92 4.54 -31.57
C GLU A 11 -4.81 5.29 -30.59
N SER A 12 -4.26 6.35 -30.01
CA SER A 12 -4.94 7.19 -29.03
C SER A 12 -5.17 6.46 -27.70
N GLY A 13 -4.63 5.25 -27.58
CA GLY A 13 -4.76 4.49 -26.33
C GLY A 13 -6.17 3.97 -26.09
N LEU A 14 -6.90 3.77 -27.18
CA LEU A 14 -8.34 3.45 -27.11
C LEU A 14 -8.64 2.03 -26.62
N SER A 15 -7.66 1.14 -26.77
CA SER A 15 -7.84 -0.26 -26.44
C SER A 15 -6.48 -0.91 -26.21
N GLN A 16 -6.44 -1.98 -25.43
CA GLN A 16 -5.19 -2.73 -25.22
C GLN A 16 -5.44 -4.21 -25.39
N LYS A 17 -4.46 -4.94 -25.92
CA LYS A 17 -4.59 -6.39 -25.97
C LYS A 17 -4.63 -6.99 -24.54
N HIS A 18 -5.62 -7.84 -24.28
CA HIS A 18 -5.78 -8.41 -22.95
C HIS A 18 -4.52 -9.13 -22.45
N LEU A 19 -3.75 -9.71 -23.37
CA LEU A 19 -2.52 -10.42 -23.04
C LEU A 19 -1.49 -9.61 -22.27
N ILE A 20 -1.58 -8.27 -22.33
CA ILE A 20 -0.59 -7.49 -21.60
C ILE A 20 -0.67 -7.71 -20.08
N HIS A 21 -1.81 -8.18 -19.58
CA HIS A 21 -1.96 -8.50 -18.15
C HIS A 21 -1.48 -9.92 -17.79
N GLY A 22 -1.19 -10.75 -18.81
CA GLY A 22 -0.83 -12.15 -18.58
C GLY A 22 0.45 -12.70 -19.20
N ASP A 23 1.05 -11.99 -20.14
CA ASP A 23 2.14 -12.58 -20.93
C ASP A 23 3.48 -12.48 -20.19
N GLU A 24 4.12 -13.62 -19.90
CA GLU A 24 5.35 -13.60 -19.09
C GLU A 24 6.54 -13.06 -19.87
N GLU A 25 6.54 -13.29 -21.18
CA GLU A 25 7.61 -12.74 -22.03
C GLU A 25 7.55 -11.22 -22.01
N LEU A 26 6.32 -10.69 -22.09
CA LEU A 26 6.14 -9.24 -22.06
C LEU A 26 6.51 -8.66 -20.70
N PHE A 27 6.20 -9.39 -19.64
CA PHE A 27 6.64 -9.02 -18.30
C PHE A 27 8.16 -8.87 -18.25
N GLN A 28 8.88 -9.86 -18.78
CA GLN A 28 10.34 -9.79 -18.79
C GLN A 28 10.79 -8.57 -19.58
N HIS A 29 10.14 -8.35 -20.72
CA HIS A 29 10.41 -7.17 -21.53
C HIS A 29 10.15 -5.89 -20.75
N GLU A 30 9.11 -5.89 -19.92
CA GLU A 30 8.80 -4.70 -19.12
C GLU A 30 9.88 -4.40 -18.11
N LEU A 31 10.56 -5.42 -17.63
CA LEU A 31 11.63 -5.22 -16.67
C LEU A 31 12.67 -4.29 -17.27
N LYS A 32 12.93 -4.48 -18.56
CA LYS A 32 13.90 -3.65 -19.32
C LYS A 32 13.37 -2.30 -19.78
N THR A 33 12.18 -2.29 -20.40
CA THR A 33 11.65 -1.09 -21.04
C THR A 33 10.78 -0.23 -20.15
N ILE A 34 10.26 -0.78 -19.06
CA ILE A 34 9.44 0.00 -18.12
C ILE A 34 10.20 0.28 -16.84
N PHE A 35 10.53 -0.77 -16.10
CA PHE A 35 11.15 -0.61 -14.77
C PHE A 35 12.62 -0.23 -14.74
N ALA A 36 13.42 -0.65 -15.71
CA ALA A 36 14.83 -0.23 -15.74
C ALA A 36 14.99 1.16 -16.37
N ARG A 37 13.91 1.67 -16.94
CA ARG A 37 13.96 2.95 -17.66
C ARG A 37 13.32 4.12 -16.92
N ASN A 38 12.28 3.85 -16.13
CA ASN A 38 11.50 4.93 -15.55
C ASN A 38 11.76 5.23 -14.06
N TRP A 39 11.15 6.31 -13.55
CA TRP A 39 11.28 6.69 -12.14
C TRP A 39 10.40 5.82 -11.27
N LEU A 40 10.97 5.26 -10.20
CA LEU A 40 10.26 4.32 -9.33
C LEU A 40 10.31 4.85 -7.90
N PHE A 41 9.19 4.76 -7.19
CA PHE A 41 9.17 5.25 -5.80
C PHE A 41 10.03 4.42 -4.83
N LEU A 42 10.84 5.10 -4.02
CA LEU A 42 11.71 4.44 -3.05
C LEU A 42 11.26 4.63 -1.59
N THR A 43 11.18 5.89 -1.15
CA THR A 43 10.88 6.18 0.24
C THR A 43 10.58 7.66 0.39
N HIS A 44 10.46 8.11 1.64
CA HIS A 44 10.25 9.53 1.93
C HIS A 44 11.30 10.02 2.93
N ASP A 45 11.64 11.32 2.88
CA ASP A 45 12.54 11.90 3.87
C ASP A 45 12.18 11.51 5.30
N SER A 46 10.87 11.45 5.58
CA SER A 46 10.40 11.18 6.94
C SER A 46 10.78 9.79 7.44
N LEU A 47 11.04 8.88 6.50
CA LEU A 47 11.43 7.50 6.82
C LEU A 47 12.95 7.32 6.97
N ILE A 48 13.74 8.16 6.32
CA ILE A 48 15.20 8.17 6.52
C ILE A 48 15.75 9.58 6.79
N PRO A 49 15.31 10.22 7.89
CA PRO A 49 15.65 11.65 8.08
C PRO A 49 17.07 11.92 8.60
N ALA A 50 17.70 10.94 9.24
CA ALA A 50 19.03 11.14 9.81
C ALA A 50 20.12 10.37 9.06
N PRO A 51 21.33 10.97 8.98
CA PRO A 51 22.50 10.28 8.42
C PRO A 51 22.64 8.85 8.95
N GLY A 52 22.78 7.89 8.04
CA GLY A 52 22.89 6.50 8.44
C GLY A 52 21.57 5.75 8.37
N ASP A 53 20.45 6.47 8.41
CA ASP A 53 19.16 5.83 8.23
C ASP A 53 19.07 5.19 6.84
N TYR A 54 18.49 4.00 6.77
CA TYR A 54 18.30 3.33 5.51
C TYR A 54 16.99 2.54 5.50
N VAL A 55 16.50 2.27 4.30
CA VAL A 55 15.39 1.33 4.12
C VAL A 55 15.71 0.44 2.91
N THR A 56 15.06 -0.72 2.82
CA THR A 56 15.13 -1.46 1.58
C THR A 56 13.88 -1.14 0.77
N ALA A 57 13.96 -1.28 -0.55
CA ALA A 57 12.84 -0.99 -1.43
C ALA A 57 12.99 -1.83 -2.67
N LYS A 58 11.90 -2.09 -3.37
CA LYS A 58 12.01 -2.75 -4.66
C LYS A 58 12.07 -1.72 -5.78
N MET A 59 12.85 -2.03 -6.81
CA MET A 59 12.78 -1.29 -8.07
C MET A 59 12.57 -2.35 -9.12
N GLY A 60 11.35 -2.49 -9.59
CA GLY A 60 11.03 -3.63 -10.44
C GLY A 60 11.15 -4.88 -9.59
N ILE A 61 11.77 -5.94 -10.12
CA ILE A 61 12.04 -7.11 -9.28
C ILE A 61 13.38 -7.04 -8.54
N ASP A 62 14.13 -5.95 -8.74
CA ASP A 62 15.38 -5.77 -8.00
C ASP A 62 15.15 -5.16 -6.61
N GLU A 63 16.03 -5.48 -5.66
CA GLU A 63 15.96 -4.87 -4.34
C GLU A 63 17.13 -3.91 -4.16
N VAL A 64 16.86 -2.74 -3.60
CA VAL A 64 17.93 -1.75 -3.35
C VAL A 64 17.97 -1.32 -1.88
N ILE A 65 19.13 -0.82 -1.46
CA ILE A 65 19.29 -0.22 -0.15
C ILE A 65 19.28 1.28 -0.40
N VAL A 66 18.49 2.04 0.35
CA VAL A 66 18.39 3.48 0.14
C VAL A 66 18.88 4.17 1.41
N SER A 67 19.96 4.95 1.31
CA SER A 67 20.67 5.38 2.52
C SER A 67 20.90 6.89 2.59
N ARG A 68 20.58 7.47 3.76
CA ARG A 68 20.89 8.88 4.00
C ARG A 68 22.38 9.04 4.25
N GLN A 69 23.00 9.85 3.41
CA GLN A 69 24.43 10.10 3.49
C GLN A 69 24.75 11.15 4.55
N ASN A 70 26.00 11.18 4.97
CA ASN A 70 26.44 12.17 5.94
C ASN A 70 26.23 13.62 5.48
N ASP A 71 26.32 13.84 4.16
CA ASP A 71 26.15 15.20 3.63
C ASP A 71 24.68 15.59 3.43
N GLY A 72 23.77 14.72 3.85
CA GLY A 72 22.36 15.03 3.72
C GLY A 72 21.73 14.51 2.43
N SER A 73 22.54 14.08 1.46
CA SER A 73 21.99 13.47 0.26
C SER A 73 21.54 12.02 0.51
N ILE A 74 20.89 11.43 -0.51
CA ILE A 74 20.47 10.04 -0.46
C ILE A 74 21.04 9.29 -1.67
N ARG A 75 21.68 8.16 -1.42
CA ARG A 75 22.14 7.28 -2.49
C ARG A 75 21.49 5.90 -2.34
N ALA A 76 21.33 5.18 -3.45
CA ALA A 76 20.67 3.89 -3.41
C ALA A 76 21.55 2.85 -4.11
N PHE A 77 21.59 1.62 -3.58
CA PHE A 77 22.45 0.59 -4.13
C PHE A 77 21.75 -0.75 -4.19
N LEU A 78 22.06 -1.54 -5.22
CA LEU A 78 21.58 -2.91 -5.33
C LEU A 78 21.92 -3.65 -4.05
N ASN A 79 20.97 -4.41 -3.50
CA ASN A 79 21.16 -5.12 -2.25
C ASN A 79 21.87 -6.46 -2.52
N VAL A 80 23.02 -6.38 -3.18
CA VAL A 80 23.74 -7.57 -3.66
C VAL A 80 25.25 -7.41 -3.46
N CYS A 81 25.87 -8.38 -2.79
CA CYS A 81 27.31 -8.33 -2.54
C CYS A 81 28.14 -8.50 -3.82
N ARG A 82 29.20 -7.71 -3.93
CA ARG A 82 30.09 -7.72 -5.09
C ARG A 82 30.99 -8.95 -5.19
N HIS A 83 31.09 -9.72 -4.11
CA HIS A 83 31.88 -10.95 -4.11
C HIS A 83 31.14 -12.12 -4.77
N ARG A 84 30.35 -12.86 -4.00
CA ARG A 84 29.61 -14.01 -4.56
C ARG A 84 28.08 -13.80 -4.62
N GLY A 85 27.64 -12.56 -4.47
CA GLY A 85 26.28 -12.19 -4.84
C GLY A 85 25.17 -12.47 -3.84
N LYS A 86 25.53 -12.62 -2.56
CA LYS A 86 24.54 -12.84 -1.51
C LYS A 86 23.80 -11.54 -1.26
N THR A 87 22.54 -11.63 -0.83
CA THR A 87 21.79 -10.45 -0.42
C THR A 87 22.44 -9.84 0.82
N LEU A 88 22.72 -8.54 0.76
CA LEU A 88 23.52 -7.86 1.77
C LEU A 88 22.70 -7.59 3.04
N VAL A 89 21.56 -6.93 2.85
CA VAL A 89 20.73 -6.48 3.97
C VAL A 89 19.44 -7.28 4.02
N SER A 90 19.13 -7.85 5.19
CA SER A 90 17.94 -8.70 5.29
C SER A 90 16.79 -8.07 6.07
N VAL A 91 17.00 -6.83 6.50
CA VAL A 91 15.95 -6.09 7.21
C VAL A 91 15.32 -5.02 6.32
N GLU A 92 14.28 -4.35 6.82
CA GLU A 92 13.52 -3.40 6.01
C GLU A 92 13.91 -1.95 6.31
N ALA A 93 14.43 -1.71 7.52
CA ALA A 93 14.81 -0.37 7.89
C ALA A 93 15.81 -0.41 9.02
N GLY A 94 16.63 0.63 9.13
CA GLY A 94 17.52 0.75 10.27
C GLY A 94 18.45 1.94 10.19
N ASN A 95 19.46 1.96 11.04
CA ASN A 95 20.48 2.98 10.96
C ASN A 95 21.85 2.33 11.05
N ALA A 96 22.75 2.69 10.15
CA ALA A 96 24.08 2.09 10.14
C ALA A 96 25.03 2.89 9.29
N LYS A 97 26.32 2.82 9.60
CA LYS A 97 27.34 3.46 8.78
C LYS A 97 27.82 2.55 7.68
N GLY A 98 27.32 1.32 7.66
CA GLY A 98 27.77 0.38 6.67
C GLY A 98 27.02 -0.93 6.72
N PHE A 99 27.31 -1.81 5.76
CA PHE A 99 26.63 -3.09 5.69
C PHE A 99 27.67 -4.17 5.46
N VAL A 100 27.71 -5.13 6.38
CA VAL A 100 28.66 -6.24 6.31
C VAL A 100 27.97 -7.48 5.74
N CYS A 101 28.60 -8.12 4.75
CA CYS A 101 28.02 -9.36 4.19
C CYS A 101 28.28 -10.56 5.09
N SER A 102 27.25 -11.34 5.38
CA SER A 102 27.40 -12.42 6.35
C SER A 102 28.01 -13.69 5.75
N TYR A 103 28.32 -13.66 4.45
CA TYR A 103 28.93 -14.83 3.81
C TYR A 103 30.43 -14.86 4.10
N HIS A 104 31.19 -13.92 3.54
CA HIS A 104 32.63 -13.88 3.80
C HIS A 104 33.07 -12.61 4.55
N GLY A 105 32.12 -11.76 4.93
CA GLY A 105 32.44 -10.67 5.82
C GLY A 105 32.86 -9.34 5.19
N TRP A 106 32.71 -9.20 3.87
CA TRP A 106 33.00 -7.93 3.19
C TRP A 106 32.14 -6.81 3.74
N GLY A 107 32.77 -5.66 4.03
CA GLY A 107 32.07 -4.54 4.63
C GLY A 107 31.98 -3.36 3.68
N PHE A 108 30.75 -2.92 3.42
CA PHE A 108 30.51 -1.79 2.52
C PHE A 108 30.01 -0.63 3.35
N GLY A 109 30.36 0.58 2.97
CA GLY A 109 29.88 1.75 3.68
C GLY A 109 28.50 2.13 3.19
N SER A 110 27.83 2.99 3.95
CA SER A 110 26.56 3.59 3.55
C SER A 110 26.65 4.26 2.19
N ASN A 111 27.87 4.60 1.78
CA ASN A 111 28.14 5.22 0.49
C ASN A 111 28.46 4.17 -0.59
N GLY A 112 28.23 2.90 -0.26
CA GLY A 112 28.41 1.84 -1.22
C GLY A 112 29.86 1.43 -1.48
N GLU A 113 30.82 2.10 -0.87
CA GLU A 113 32.23 1.76 -1.12
C GLU A 113 32.62 0.45 -0.45
N LEU A 114 33.42 -0.38 -1.14
CA LEU A 114 33.99 -1.53 -0.45
C LEU A 114 35.05 -1.01 0.51
N GLN A 115 34.74 -1.07 1.81
CA GLN A 115 35.61 -0.47 2.82
C GLN A 115 36.54 -1.43 3.54
N SER A 116 36.04 -2.60 3.92
CA SER A 116 36.91 -3.62 4.51
C SER A 116 36.74 -4.98 3.87
N VAL A 117 37.82 -5.74 3.81
CA VAL A 117 37.80 -7.15 3.40
C VAL A 117 38.58 -7.94 4.46
N PRO A 118 37.95 -8.97 5.04
CA PRO A 118 38.58 -9.72 6.14
C PRO A 118 39.93 -10.30 5.74
N PHE A 119 40.95 -10.00 6.53
CA PHE A 119 42.31 -10.46 6.27
C PHE A 119 42.78 -10.09 4.85
N GLU A 120 42.51 -8.85 4.44
CA GLU A 120 42.84 -8.40 3.09
C GLU A 120 44.35 -8.48 2.82
N LYS A 121 45.16 -8.02 3.77
CA LYS A 121 46.60 -7.99 3.54
C LYS A 121 47.20 -9.39 3.40
N ASP A 122 46.78 -10.31 4.27
CA ASP A 122 47.28 -11.68 4.23
C ASP A 122 46.88 -12.41 2.95
N LEU A 123 45.65 -12.18 2.50
CA LEU A 123 45.05 -12.98 1.44
C LEU A 123 45.12 -12.34 0.06
N TYR A 124 44.63 -11.12 -0.06
CA TYR A 124 44.60 -10.43 -1.34
C TYR A 124 45.89 -9.67 -1.63
N GLY A 125 46.66 -9.41 -0.57
CA GLY A 125 47.80 -8.51 -0.67
C GLY A 125 47.32 -7.13 -1.06
N GLU A 126 47.77 -6.65 -2.21
CA GLU A 126 47.41 -5.33 -2.71
C GLU A 126 46.65 -5.44 -4.04
N SER A 127 46.39 -6.67 -4.47
CA SER A 127 45.86 -6.93 -5.80
C SER A 127 44.36 -6.80 -5.90
N LEU A 128 43.69 -6.50 -4.78
CA LEU A 128 42.25 -6.30 -4.80
C LEU A 128 41.96 -4.81 -4.96
N ASN A 129 41.38 -4.44 -6.09
CA ASN A 129 41.05 -3.04 -6.38
C ASN A 129 39.68 -2.66 -5.84
N LYS A 130 39.65 -2.28 -4.56
CA LYS A 130 38.39 -2.03 -3.85
C LYS A 130 37.58 -0.88 -4.43
N LYS A 131 38.25 0.10 -5.03
CA LYS A 131 37.53 1.23 -5.62
C LYS A 131 36.69 0.81 -6.82
N CYS A 132 36.97 -0.38 -7.36
CA CYS A 132 36.17 -0.91 -8.46
C CYS A 132 35.05 -1.83 -7.97
N LEU A 133 35.05 -2.12 -6.67
CA LEU A 133 34.16 -3.14 -6.11
C LEU A 133 33.08 -2.56 -5.21
N GLY A 134 32.67 -1.33 -5.45
CA GLY A 134 31.57 -0.74 -4.70
C GLY A 134 30.24 -1.34 -5.14
N LEU A 135 29.23 -1.26 -4.28
CA LEU A 135 27.91 -1.78 -4.64
C LEU A 135 27.41 -1.10 -5.89
N LYS A 136 26.67 -1.83 -6.72
CA LYS A 136 26.13 -1.30 -7.96
C LYS A 136 25.09 -0.22 -7.65
N GLU A 137 25.36 1.02 -8.06
CA GLU A 137 24.57 2.15 -7.59
C GLU A 137 23.44 2.54 -8.54
N VAL A 138 22.29 2.87 -7.96
CA VAL A 138 21.17 3.38 -8.74
C VAL A 138 21.59 4.72 -9.33
N ALA A 139 21.59 4.84 -10.66
CA ALA A 139 22.10 6.02 -11.36
C ALA A 139 21.51 7.36 -10.90
N ARG A 140 20.20 7.38 -10.72
CA ARG A 140 19.48 8.64 -10.48
C ARG A 140 18.59 8.53 -9.24
N VAL A 141 18.73 9.48 -8.32
CA VAL A 141 17.89 9.56 -7.14
C VAL A 141 17.47 11.01 -6.94
N GLU A 142 16.17 11.29 -7.08
CA GLU A 142 15.68 12.65 -6.99
C GLU A 142 14.47 12.74 -6.06
N SER A 143 14.18 13.94 -5.59
CA SER A 143 13.09 14.15 -4.63
C SER A 143 12.00 15.08 -5.16
N PHE A 144 10.76 14.74 -4.88
CA PHE A 144 9.63 15.61 -5.16
C PHE A 144 8.99 15.95 -3.84
N HIS A 145 9.40 17.08 -3.26
CA HIS A 145 8.94 17.51 -1.94
C HIS A 145 9.00 16.43 -0.86
N GLY A 146 10.13 15.73 -0.78
CA GLY A 146 10.31 14.75 0.28
C GLY A 146 10.09 13.32 -0.20
N PHE A 147 9.37 13.15 -1.30
CA PHE A 147 9.14 11.84 -1.88
C PHE A 147 10.28 11.48 -2.82
N ILE A 148 10.99 10.39 -2.50
CA ILE A 148 12.24 10.05 -3.16
C ILE A 148 11.99 8.98 -4.22
N TYR A 149 12.42 9.25 -5.45
CA TYR A 149 12.31 8.29 -6.54
C TYR A 149 13.69 7.93 -7.09
N GLY A 150 13.80 6.75 -7.68
CA GLY A 150 15.05 6.30 -8.25
C GLY A 150 14.86 5.86 -9.69
N CYS A 151 15.95 5.86 -10.47
CA CYS A 151 15.91 5.43 -11.86
C CYS A 151 17.26 4.84 -12.25
N PHE A 152 17.24 3.62 -12.76
CA PHE A 152 18.47 2.96 -13.19
C PHE A 152 19.07 3.57 -14.46
N ASP A 153 18.26 4.32 -15.20
CA ASP A 153 18.68 4.89 -16.48
C ASP A 153 19.17 6.33 -16.34
N GLN A 154 20.47 6.53 -16.55
CA GLN A 154 21.08 7.85 -16.44
C GLN A 154 20.45 8.86 -17.41
N GLU A 155 19.83 8.36 -18.48
CA GLU A 155 19.34 9.24 -19.56
C GLU A 155 17.92 9.74 -19.34
N ALA A 156 17.31 9.34 -18.22
CA ALA A 156 15.92 9.72 -17.93
C ALA A 156 15.80 11.23 -17.75
N PRO A 157 14.61 11.77 -18.04
CA PRO A 157 14.36 13.18 -17.69
C PRO A 157 14.43 13.39 -16.18
N PRO A 158 14.70 14.61 -15.73
CA PRO A 158 14.64 14.86 -14.29
C PRO A 158 13.22 14.56 -13.81
N LEU A 159 13.07 14.18 -12.55
CA LEU A 159 11.78 13.76 -11.99
C LEU A 159 10.68 14.79 -12.22
N MET A 160 10.98 16.08 -12.00
CA MET A 160 10.00 17.15 -12.25
C MET A 160 9.46 17.21 -13.68
N ASP A 161 10.34 17.09 -14.66
CA ASP A 161 9.93 17.10 -16.08
C ASP A 161 9.12 15.84 -16.38
N TYR A 162 9.54 14.74 -15.76
CA TYR A 162 8.86 13.46 -15.90
C TYR A 162 7.43 13.49 -15.34
N LEU A 163 7.21 14.23 -14.26
CA LEU A 163 5.85 14.37 -13.74
C LEU A 163 5.00 15.21 -14.70
N GLY A 164 5.67 16.01 -15.53
CA GLY A 164 5.00 16.82 -16.54
C GLY A 164 3.82 17.59 -16.00
N ASP A 165 2.69 17.48 -16.68
CA ASP A 165 1.52 18.25 -16.32
C ASP A 165 0.87 17.81 -15.01
N ALA A 166 1.16 16.59 -14.57
CA ALA A 166 0.62 16.10 -13.30
C ALA A 166 1.17 16.88 -12.10
N ALA A 167 2.38 17.39 -12.24
CA ALA A 167 3.01 18.10 -11.12
C ALA A 167 2.17 19.28 -10.66
N TRP A 168 1.48 19.92 -11.60
CA TRP A 168 0.71 21.12 -11.29
C TRP A 168 -0.42 20.79 -10.32
N TYR A 169 -1.00 19.61 -10.49
CA TYR A 169 -2.13 19.15 -9.67
C TYR A 169 -1.68 18.67 -8.30
N LEU A 170 -0.49 18.07 -8.23
CA LEU A 170 0.07 17.57 -6.98
C LEU A 170 0.58 18.67 -6.05
N GLU A 171 1.10 19.76 -6.64
CA GLU A 171 1.79 20.77 -5.84
C GLU A 171 1.02 21.43 -4.70
N PRO A 172 -0.30 21.69 -4.88
CA PRO A 172 -0.99 22.32 -3.74
C PRO A 172 -0.90 21.47 -2.48
N MET A 173 -1.13 20.17 -2.62
CA MET A 173 -1.00 19.25 -1.48
C MET A 173 0.45 18.91 -1.10
N PHE A 174 1.30 18.68 -2.09
CA PHE A 174 2.68 18.24 -1.81
C PHE A 174 3.60 19.37 -1.36
N LYS A 175 3.34 20.57 -1.85
CA LYS A 175 4.21 21.73 -1.63
C LYS A 175 3.56 22.83 -0.80
N HIS A 176 2.42 23.34 -1.26
CA HIS A 176 1.83 24.52 -0.64
C HIS A 176 1.11 24.27 0.68
N SER A 177 0.86 22.99 1.00
CA SER A 177 0.21 22.67 2.26
C SER A 177 1.20 22.77 3.41
N GLY A 178 2.48 23.00 3.09
CA GLY A 178 3.52 22.97 4.11
C GLY A 178 4.27 21.65 4.10
N GLY A 179 3.86 20.73 3.22
CA GLY A 179 4.54 19.44 3.10
C GLY A 179 3.84 18.25 3.73
N LEU A 180 4.08 17.08 3.15
CA LEU A 180 3.49 15.84 3.60
C LEU A 180 4.58 14.99 4.23
N GLU A 181 4.16 14.03 5.05
CA GLU A 181 5.08 12.98 5.47
C GLU A 181 4.43 11.64 5.19
N LEU A 182 5.27 10.64 5.00
CA LEU A 182 4.82 9.29 4.76
C LEU A 182 4.87 8.57 6.11
N VAL A 183 3.75 7.92 6.47
CA VAL A 183 3.70 7.19 7.72
C VAL A 183 3.96 5.72 7.41
N GLY A 184 5.05 5.20 7.94
CA GLY A 184 5.36 3.79 7.82
C GLY A 184 5.14 3.09 9.15
N PRO A 185 5.43 1.79 9.20
CA PRO A 185 5.87 1.00 8.06
C PRO A 185 4.67 0.71 7.18
N PRO A 186 4.92 0.31 5.93
CA PRO A 186 3.79 0.03 5.03
C PRO A 186 3.24 -1.36 5.30
N GLY A 187 1.95 -1.54 5.00
CA GLY A 187 1.38 -2.88 4.94
C GLY A 187 1.92 -3.52 3.66
N LYS A 188 2.04 -4.85 3.66
CA LYS A 188 2.58 -5.56 2.50
C LYS A 188 1.80 -6.83 2.22
N VAL A 189 1.25 -6.95 1.02
CA VAL A 189 0.36 -8.05 0.65
C VAL A 189 0.58 -8.45 -0.80
N VAL A 190 0.67 -9.76 -1.05
CA VAL A 190 0.78 -10.27 -2.41
C VAL A 190 -0.61 -10.49 -2.99
N ILE A 191 -0.88 -9.92 -4.17
CA ILE A 191 -2.13 -10.20 -4.88
C ILE A 191 -1.84 -10.91 -6.19
N LYS A 192 -2.80 -11.69 -6.68
CA LYS A 192 -2.57 -12.43 -7.92
C LYS A 192 -3.04 -11.61 -9.13
N ALA A 193 -2.46 -10.41 -9.26
CA ALA A 193 -2.84 -9.51 -10.34
C ALA A 193 -1.58 -8.95 -10.99
N ASN A 194 -1.71 -8.53 -12.23
CA ASN A 194 -0.66 -7.79 -12.92
C ASN A 194 -0.55 -6.40 -12.31
N TRP A 195 0.66 -5.86 -12.26
CA TRP A 195 0.86 -4.55 -11.65
C TRP A 195 0.06 -3.46 -12.35
N LYS A 196 -0.24 -3.67 -13.63
CA LYS A 196 -0.97 -2.67 -14.42
C LYS A 196 -2.44 -2.55 -14.06
N ALA A 197 -3.03 -3.62 -13.53
CA ALA A 197 -4.44 -3.54 -13.14
C ALA A 197 -4.72 -2.52 -12.01
N PRO A 198 -3.99 -2.60 -10.89
CA PRO A 198 -4.30 -1.52 -9.93
C PRO A 198 -3.72 -0.17 -10.38
N ALA A 199 -2.65 -0.17 -11.19
CA ALA A 199 -2.10 1.07 -11.74
C ALA A 199 -3.15 1.83 -12.53
N GLU A 200 -3.82 1.11 -13.43
CA GLU A 200 -4.85 1.74 -14.25
C GLU A 200 -6.07 2.10 -13.40
N ASN A 201 -6.37 1.28 -12.41
CA ASN A 201 -7.51 1.52 -11.53
C ASN A 201 -7.34 2.85 -10.79
N PHE A 202 -6.16 3.07 -10.21
CA PHE A 202 -5.90 4.34 -9.52
C PHE A 202 -5.71 5.55 -10.44
N VAL A 203 -5.26 5.35 -11.67
CA VAL A 203 -4.92 6.50 -12.54
C VAL A 203 -6.16 7.17 -13.08
N GLY A 204 -7.26 6.42 -13.23
CA GLY A 204 -8.40 6.98 -13.92
C GLY A 204 -9.75 6.35 -13.72
N ASP A 205 -9.89 5.46 -12.74
CA ASP A 205 -11.15 4.74 -12.60
C ASP A 205 -12.05 5.26 -11.47
N ALA A 206 -12.80 6.32 -11.74
CA ALA A 206 -13.84 6.73 -10.80
C ALA A 206 -15.13 5.99 -11.13
N TYR A 207 -15.20 5.43 -12.34
CA TYR A 207 -16.39 4.74 -12.85
C TYR A 207 -16.80 3.60 -11.93
N HIS A 208 -15.81 2.83 -11.46
CA HIS A 208 -16.09 1.62 -10.70
C HIS A 208 -16.51 1.88 -9.24
N VAL A 209 -16.19 3.05 -8.71
CA VAL A 209 -16.38 3.33 -7.29
C VAL A 209 -17.81 3.06 -6.79
N GLY A 210 -18.80 3.62 -7.46
CA GLY A 210 -20.19 3.44 -7.06
C GLY A 210 -20.65 1.99 -7.08
N TRP A 211 -20.09 1.20 -8.01
CA TRP A 211 -20.54 -0.19 -8.15
C TRP A 211 -19.68 -1.20 -7.38
N THR A 212 -18.38 -1.16 -7.62
CA THR A 212 -17.45 -2.06 -6.93
C THR A 212 -17.55 -1.89 -5.42
N HIS A 213 -17.65 -0.64 -4.98
CA HIS A 213 -17.65 -0.33 -3.56
C HIS A 213 -18.99 0.03 -2.98
N ALA A 214 -20.08 -0.38 -3.63
CA ALA A 214 -21.42 -0.13 -3.12
C ALA A 214 -21.51 -0.44 -1.62
N SER A 215 -21.03 -1.62 -1.23
CA SER A 215 -21.13 -2.04 0.16
C SER A 215 -20.27 -1.21 1.13
N SER A 216 -19.03 -0.89 0.76
CA SER A 216 -18.14 -0.09 1.61
C SER A 216 -18.65 1.35 1.77
N LEU A 217 -19.15 1.92 0.68
CA LEU A 217 -19.76 3.24 0.70
C LEU A 217 -20.93 3.27 1.68
N ARG A 218 -21.85 2.33 1.52
CA ARG A 218 -23.05 2.22 2.37
C ARG A 218 -22.69 1.93 3.84
N SER A 219 -21.69 1.10 4.05
CA SER A 219 -21.28 0.72 5.39
C SER A 219 -20.52 1.81 6.14
N GLY A 220 -19.59 2.48 5.47
CA GLY A 220 -18.76 3.45 6.13
C GLY A 220 -19.34 4.86 6.11
N GLU A 221 -20.22 5.11 5.15
CA GLU A 221 -20.86 6.40 5.00
C GLU A 221 -19.82 7.51 4.80
N SER A 222 -18.88 7.24 3.89
CA SER A 222 -17.88 8.23 3.48
C SER A 222 -18.51 9.35 2.65
N ILE A 223 -17.79 10.45 2.47
CA ILE A 223 -18.32 11.58 1.70
C ILE A 223 -18.76 11.21 0.28
N PHE A 224 -18.22 10.12 -0.27
CA PHE A 224 -18.64 9.61 -1.57
C PHE A 224 -19.86 8.69 -1.50
N SER A 225 -20.47 8.55 -0.32
CA SER A 225 -21.55 7.57 -0.11
C SER A 225 -22.68 7.68 -1.11
N SER A 226 -22.85 8.88 -1.64
CA SER A 226 -23.89 9.17 -2.63
C SER A 226 -23.84 8.18 -3.80
N LEU A 227 -22.64 7.85 -4.25
CA LEU A 227 -22.48 7.04 -5.47
C LEU A 227 -22.88 5.57 -5.30
N ALA A 228 -23.03 5.12 -4.05
CA ALA A 228 -23.26 3.70 -3.73
C ALA A 228 -24.33 3.01 -4.58
N GLY A 229 -24.12 1.73 -4.89
CA GLY A 229 -25.05 0.95 -5.70
C GLY A 229 -25.44 1.59 -7.03
N ASN A 230 -24.64 2.56 -7.47
CA ASN A 230 -24.99 3.43 -8.60
C ASN A 230 -26.30 4.20 -8.39
N ALA A 231 -26.50 4.69 -7.16
CA ALA A 231 -27.68 5.47 -6.82
C ALA A 231 -27.60 6.90 -7.37
N ALA A 232 -26.39 7.34 -7.72
CA ALA A 232 -26.18 8.75 -8.06
C ALA A 232 -24.98 9.03 -8.97
N LEU A 233 -25.19 9.81 -10.04
CA LEU A 233 -24.07 10.41 -10.75
C LEU A 233 -23.67 11.68 -10.01
N PRO A 234 -22.36 11.91 -9.87
CA PRO A 234 -21.99 13.20 -9.27
C PRO A 234 -22.31 14.28 -10.28
N PRO A 235 -22.77 15.45 -9.82
CA PRO A 235 -23.18 16.57 -10.67
C PRO A 235 -22.23 16.80 -11.85
N GLU A 236 -22.77 17.16 -13.02
CA GLU A 236 -21.93 17.57 -14.14
C GLU A 236 -21.09 18.76 -13.66
N GLY A 237 -19.77 18.53 -13.62
CA GLY A 237 -18.84 19.50 -13.07
C GLY A 237 -18.23 19.07 -11.73
N ALA A 238 -18.48 17.82 -11.33
CA ALA A 238 -18.02 17.33 -10.04
C ALA A 238 -16.52 17.08 -10.01
N GLY A 239 -15.91 17.10 -11.20
CA GLY A 239 -14.47 16.96 -11.29
C GLY A 239 -13.95 16.81 -12.70
N LEU A 240 -12.73 16.31 -12.82
CA LEU A 240 -12.12 16.16 -14.14
C LEU A 240 -11.08 15.07 -14.12
N GLN A 241 -10.56 14.75 -15.30
CA GLN A 241 -9.47 13.79 -15.42
C GLN A 241 -8.34 14.44 -16.19
N MET A 242 -7.10 14.09 -15.86
CA MET A 242 -5.97 14.58 -16.65
C MET A 242 -4.94 13.49 -16.92
N THR A 243 -4.13 13.71 -17.93
CA THR A 243 -3.00 12.81 -18.18
C THR A 243 -1.84 13.60 -18.79
N SER A 244 -0.71 12.95 -18.97
CA SER A 244 0.51 13.69 -19.31
C SER A 244 1.41 12.92 -20.24
N LYS A 245 2.48 13.57 -20.66
CA LYS A 245 3.38 13.00 -21.66
C LYS A 245 4.00 11.67 -21.23
N TYR A 246 4.52 11.61 -20.01
CA TYR A 246 5.28 10.46 -19.56
C TYR A 246 4.43 9.42 -18.83
N GLY A 247 3.11 9.54 -18.94
CA GLY A 247 2.21 8.49 -18.49
C GLY A 247 1.45 8.72 -17.20
N SER A 248 1.95 9.63 -16.36
CA SER A 248 1.27 9.92 -15.11
C SER A 248 -0.08 10.58 -15.36
N GLY A 249 -1.03 10.36 -14.45
CA GLY A 249 -2.38 10.84 -14.62
C GLY A 249 -3.17 10.78 -13.33
N MET A 250 -4.33 11.40 -13.31
CA MET A 250 -5.15 11.43 -12.12
C MET A 250 -6.56 11.90 -12.41
N GLY A 251 -7.47 11.49 -11.52
CA GLY A 251 -8.83 12.00 -11.51
C GLY A 251 -8.92 13.01 -10.40
N VAL A 252 -9.78 14.02 -10.59
CA VAL A 252 -10.03 15.04 -9.58
C VAL A 252 -11.51 15.04 -9.24
N LEU A 253 -11.83 14.95 -7.95
CA LEU A 253 -13.22 14.99 -7.49
C LEU A 253 -13.37 16.16 -6.55
N TRP A 254 -14.11 17.18 -6.98
CA TRP A 254 -14.10 18.47 -6.30
C TRP A 254 -14.49 18.41 -4.82
N ASP A 255 -13.66 19.01 -3.97
CA ASP A 255 -13.97 19.24 -2.57
C ASP A 255 -13.99 18.00 -1.65
N GLY A 256 -13.69 16.82 -2.19
CA GLY A 256 -13.75 15.59 -1.40
C GLY A 256 -12.58 15.36 -0.45
N TYR A 257 -12.35 16.32 0.45
CA TYR A 257 -11.17 16.29 1.31
C TYR A 257 -11.17 15.15 2.34
N SER A 258 -12.35 14.71 2.77
CA SER A 258 -12.40 13.61 3.73
C SER A 258 -12.25 12.27 3.02
N GLY A 259 -12.50 12.26 1.70
CA GLY A 259 -12.20 11.11 0.86
C GLY A 259 -12.91 9.83 1.24
N VAL A 260 -12.16 8.73 1.28
CA VAL A 260 -12.74 7.42 1.55
C VAL A 260 -13.04 7.19 3.02
N HIS A 261 -12.61 8.11 3.88
CA HIS A 261 -12.70 7.87 5.31
C HIS A 261 -14.13 7.82 5.81
N SER A 262 -14.39 6.90 6.73
CA SER A 262 -15.74 6.68 7.23
C SER A 262 -16.18 7.89 8.04
N ALA A 263 -17.47 7.96 8.35
CA ALA A 263 -18.07 9.13 8.98
C ALA A 263 -17.39 9.63 10.25
N ASP A 264 -16.70 8.75 10.97
CA ASP A 264 -16.05 9.19 12.20
C ASP A 264 -14.91 10.23 12.02
N LEU A 265 -14.42 10.40 10.80
CA LEU A 265 -13.37 11.40 10.53
C LEU A 265 -13.84 12.58 9.67
N VAL A 266 -15.05 12.48 9.12
CA VAL A 266 -15.54 13.45 8.12
C VAL A 266 -15.58 14.93 8.58
N PRO A 267 -16.25 15.23 9.72
CA PRO A 267 -16.29 16.63 10.18
C PRO A 267 -14.93 17.24 10.45
N GLU A 268 -14.03 16.50 11.11
CA GLU A 268 -12.69 17.03 11.41
C GLU A 268 -11.91 17.33 10.15
N LEU A 269 -11.91 16.39 9.22
CA LEU A 269 -11.20 16.54 7.96
C LEU A 269 -11.72 17.71 7.15
N MET A 270 -13.04 17.76 6.95
CA MET A 270 -13.63 18.86 6.19
C MET A 270 -13.38 20.23 6.81
N ALA A 271 -13.35 20.28 8.14
CA ALA A 271 -13.03 21.53 8.84
C ALA A 271 -11.56 21.91 8.63
N PHE A 272 -10.66 20.93 8.76
CA PHE A 272 -9.22 21.18 8.65
C PHE A 272 -8.83 21.61 7.23
N GLY A 273 -9.30 20.89 6.22
CA GLY A 273 -9.00 21.22 4.84
C GLY A 273 -9.55 22.57 4.41
N GLY A 274 -10.81 22.83 4.77
CA GLY A 274 -11.43 24.11 4.44
C GLY A 274 -10.66 25.27 5.06
N ALA A 275 -10.15 25.07 6.26
CA ALA A 275 -9.40 26.12 6.96
C ALA A 275 -8.10 26.45 6.22
N LYS A 276 -7.33 25.42 5.87
CA LYS A 276 -6.09 25.64 5.11
C LYS A 276 -6.38 26.23 3.72
N GLN A 277 -7.43 25.74 3.07
CA GLN A 277 -7.84 26.26 1.76
C GLN A 277 -8.08 27.78 1.77
N GLU A 278 -8.64 28.29 2.86
CA GLU A 278 -8.93 29.73 2.95
C GLU A 278 -7.62 30.52 2.99
N ARG A 279 -6.64 29.99 3.71
CA ARG A 279 -5.32 30.62 3.76
C ARG A 279 -4.64 30.52 2.40
N LEU A 280 -4.83 29.39 1.72
CA LEU A 280 -4.16 29.14 0.46
C LEU A 280 -4.69 30.00 -0.69
N ASN A 281 -5.97 30.38 -0.61
CA ASN A 281 -6.57 31.27 -1.61
C ASN A 281 -5.66 32.47 -1.92
N LYS A 282 -5.14 33.09 -0.87
CA LYS A 282 -4.33 34.29 -1.01
C LYS A 282 -2.94 34.01 -1.58
N GLU A 283 -2.47 32.77 -1.42
CA GLU A 283 -1.11 32.42 -1.81
C GLU A 283 -0.98 31.86 -3.21
N ILE A 284 -1.94 31.02 -3.60
CA ILE A 284 -1.82 30.28 -4.86
C ILE A 284 -3.03 30.43 -5.75
N GLY A 285 -4.02 31.18 -5.28
CA GLY A 285 -5.22 31.41 -6.07
C GLY A 285 -6.33 30.45 -5.69
N ASP A 286 -7.57 30.82 -6.00
CA ASP A 286 -8.74 30.03 -5.61
C ASP A 286 -8.80 28.64 -6.24
N VAL A 287 -8.50 28.55 -7.54
CA VAL A 287 -8.52 27.27 -8.25
C VAL A 287 -7.57 26.25 -7.62
N ARG A 288 -6.29 26.62 -7.50
CA ARG A 288 -5.32 25.71 -6.90
C ARG A 288 -5.59 25.40 -5.42
N ALA A 289 -5.98 26.41 -4.64
CA ALA A 289 -6.34 26.18 -3.24
C ALA A 289 -7.44 25.14 -3.14
N ARG A 290 -8.38 25.18 -4.07
CA ARG A 290 -9.45 24.19 -4.11
C ARG A 290 -8.93 22.81 -4.50
N ILE A 291 -8.02 22.79 -5.47
CA ILE A 291 -7.35 21.56 -5.87
C ILE A 291 -6.71 20.88 -4.65
N TYR A 292 -6.06 21.67 -3.81
CA TYR A 292 -5.48 21.15 -2.54
C TYR A 292 -6.43 20.27 -1.75
N ARG A 293 -7.67 20.74 -1.60
CA ARG A 293 -8.65 20.03 -0.79
C ARG A 293 -9.64 19.23 -1.64
N SER A 294 -9.21 18.88 -2.84
CA SER A 294 -9.99 18.01 -3.71
C SER A 294 -9.29 16.64 -3.86
N HIS A 295 -10.11 15.59 -3.94
CA HIS A 295 -9.61 14.21 -3.95
C HIS A 295 -8.95 13.86 -5.28
N LEU A 296 -7.65 13.56 -5.25
CA LEU A 296 -6.95 13.19 -6.47
C LEU A 296 -6.64 11.69 -6.44
N ASN A 297 -7.12 10.96 -7.43
CA ASN A 297 -6.72 9.57 -7.61
C ASN A 297 -5.70 9.49 -8.73
N CYS A 298 -4.46 9.20 -8.37
CA CYS A 298 -3.33 9.42 -9.27
C CYS A 298 -2.44 8.19 -9.38
N THR A 299 -1.92 7.96 -10.57
CA THR A 299 -0.77 7.07 -10.71
C THR A 299 0.43 7.87 -11.25
N VAL A 300 1.55 7.78 -10.54
CA VAL A 300 2.83 8.26 -11.08
C VAL A 300 3.45 7.08 -11.83
N PHE A 301 3.52 7.20 -13.16
CA PHE A 301 3.98 6.12 -14.03
C PHE A 301 5.33 5.64 -13.55
N PRO A 302 5.53 4.30 -13.50
CA PRO A 302 4.53 3.33 -13.92
C PRO A 302 3.68 2.73 -12.79
N ASN A 303 4.27 2.53 -11.59
CA ASN A 303 3.64 1.68 -10.58
C ASN A 303 3.52 2.28 -9.17
N ASN A 304 3.43 3.60 -9.09
CA ASN A 304 3.21 4.29 -7.82
C ASN A 304 1.85 4.99 -7.89
N SER A 305 0.96 4.71 -6.94
CA SER A 305 -0.36 5.34 -6.95
C SER A 305 -0.71 5.99 -5.62
N MET A 306 -1.73 6.84 -5.63
CA MET A 306 -2.09 7.57 -4.44
C MET A 306 -3.49 8.17 -4.49
N LEU A 307 -4.05 8.40 -3.32
CA LEU A 307 -5.30 9.12 -3.20
C LEU A 307 -5.00 10.26 -2.26
N THR A 308 -4.88 11.49 -2.76
CA THR A 308 -4.64 12.59 -1.84
C THR A 308 -5.92 12.81 -1.04
N CYS A 309 -5.76 13.49 0.10
CA CYS A 309 -6.85 13.75 1.05
C CYS A 309 -7.26 12.49 1.81
N SER A 310 -7.60 11.43 1.09
CA SER A 310 -7.72 10.10 1.68
C SER A 310 -6.40 9.71 2.33
N GLY A 311 -5.30 10.08 1.70
CA GLY A 311 -3.99 9.80 2.24
C GLY A 311 -3.44 8.41 1.93
N VAL A 312 -4.02 7.74 0.92
CA VAL A 312 -3.58 6.40 0.52
C VAL A 312 -2.34 6.49 -0.38
N PHE A 313 -1.27 5.74 -0.09
CA PHE A 313 -0.07 5.78 -0.93
C PHE A 313 0.38 4.35 -1.23
N LYS A 314 0.45 4.00 -2.52
CA LYS A 314 0.60 2.61 -2.96
C LYS A 314 1.83 2.37 -3.83
N VAL A 315 2.50 1.24 -3.63
CA VAL A 315 3.50 0.80 -4.60
C VAL A 315 3.10 -0.57 -5.14
N TRP A 316 2.87 -0.67 -6.44
CA TRP A 316 2.53 -1.97 -7.03
C TRP A 316 3.79 -2.67 -7.53
N ASN A 317 4.43 -3.44 -6.64
CA ASN A 317 5.72 -4.07 -6.95
C ASN A 317 5.54 -5.34 -7.78
N PRO A 318 6.14 -5.37 -8.97
CA PRO A 318 5.92 -6.49 -9.90
C PRO A 318 6.68 -7.74 -9.47
N ILE A 319 6.04 -8.90 -9.56
CA ILE A 319 6.71 -10.14 -9.23
C ILE A 319 6.73 -11.04 -10.47
N ASP A 320 5.56 -11.27 -11.06
CA ASP A 320 5.47 -11.82 -12.40
C ASP A 320 4.20 -11.28 -13.01
N ALA A 321 3.77 -11.82 -14.16
CA ALA A 321 2.64 -11.24 -14.86
C ALA A 321 1.32 -11.31 -14.09
N ASN A 322 1.17 -12.33 -13.24
CA ASN A 322 -0.03 -12.46 -12.43
C ASN A 322 0.28 -12.41 -10.92
N THR A 323 1.38 -11.75 -10.55
CA THR A 323 1.71 -11.59 -9.13
C THR A 323 2.25 -10.19 -8.85
N THR A 324 1.69 -9.54 -7.84
CA THR A 324 2.12 -8.18 -7.46
C THR A 324 2.19 -8.06 -5.92
N GLU A 325 3.28 -7.46 -5.43
CA GLU A 325 3.40 -7.20 -4.01
C GLU A 325 3.00 -5.75 -3.72
N VAL A 326 1.88 -5.58 -3.01
CA VAL A 326 1.29 -4.27 -2.75
C VAL A 326 1.83 -3.68 -1.47
N TRP A 327 2.47 -2.51 -1.55
CA TRP A 327 2.90 -1.79 -0.37
C TRP A 327 1.95 -0.62 -0.13
N THR A 328 1.54 -0.44 1.12
CA THR A 328 0.52 0.58 1.46
C THR A 328 0.98 1.47 2.61
N TYR A 329 1.22 2.74 2.31
CA TYR A 329 1.58 3.71 3.34
C TYR A 329 0.42 4.69 3.53
N ALA A 330 0.49 5.49 4.60
CA ALA A 330 -0.40 6.64 4.75
C ALA A 330 0.40 7.92 4.48
N ILE A 331 -0.23 8.90 3.84
CA ILE A 331 0.36 10.24 3.75
C ILE A 331 -0.47 11.20 4.59
N VAL A 332 0.21 12.02 5.39
CA VAL A 332 -0.47 13.02 6.20
C VAL A 332 0.20 14.39 6.03
N GLU A 333 -0.53 15.46 6.25
CA GLU A 333 0.06 16.80 6.21
C GLU A 333 0.84 17.05 7.50
N LYS A 334 2.07 17.54 7.37
CA LYS A 334 2.93 17.76 8.53
C LYS A 334 2.29 18.60 9.65
N ASP A 335 1.52 19.62 9.28
CA ASP A 335 0.95 20.52 10.30
C ASP A 335 -0.41 20.08 10.84
N MET A 336 -0.82 18.85 10.52
CA MET A 336 -1.96 18.26 11.20
C MET A 336 -1.58 17.98 12.64
N PRO A 337 -2.56 18.09 13.55
CA PRO A 337 -2.29 17.69 14.93
C PRO A 337 -1.91 16.21 14.96
N GLU A 338 -1.02 15.83 15.87
CA GLU A 338 -0.50 14.47 15.93
C GLU A 338 -1.59 13.40 16.09
N ASP A 339 -2.59 13.69 16.91
CA ASP A 339 -3.69 12.75 17.15
C ASP A 339 -4.50 12.55 15.87
N LEU A 340 -4.67 13.61 15.09
CA LEU A 340 -5.40 13.48 13.83
C LEU A 340 -4.60 12.64 12.85
N LYS A 341 -3.28 12.87 12.82
CA LYS A 341 -2.39 12.12 11.95
C LYS A 341 -2.47 10.62 12.20
N ARG A 342 -2.42 10.27 13.48
CA ARG A 342 -2.50 8.87 13.90
C ARG A 342 -3.82 8.24 13.47
N ARG A 343 -4.93 8.95 13.67
CA ARG A 343 -6.23 8.38 13.31
C ARG A 343 -6.36 8.31 11.79
N LEU A 344 -5.81 9.29 11.08
CA LEU A 344 -5.80 9.24 9.61
C LEU A 344 -4.98 8.03 9.11
N ALA A 345 -3.82 7.82 9.71
CA ALA A 345 -2.98 6.69 9.35
C ALA A 345 -3.75 5.38 9.54
N ASP A 346 -4.34 5.21 10.71
CA ASP A 346 -5.14 4.00 10.97
C ASP A 346 -6.27 3.85 9.98
N SER A 347 -6.90 4.95 9.59
CA SER A 347 -8.06 4.88 8.70
C SER A 347 -7.67 4.54 7.27
N VAL A 348 -6.51 5.02 6.85
CA VAL A 348 -5.94 4.62 5.57
C VAL A 348 -5.77 3.09 5.51
N GLN A 349 -5.26 2.51 6.58
CA GLN A 349 -5.07 1.05 6.58
C GLN A 349 -6.38 0.32 6.75
N ARG A 350 -7.32 0.92 7.47
CA ARG A 350 -8.65 0.33 7.69
C ARG A 350 -9.40 0.18 6.38
N THR A 351 -9.19 1.13 5.46
CA THR A 351 -9.91 1.15 4.19
C THR A 351 -9.12 0.51 3.06
N PHE A 352 -7.82 0.79 3.02
CA PHE A 352 -7.01 0.33 1.90
C PHE A 352 -5.78 -0.50 2.23
N GLY A 353 -5.61 -0.88 3.50
CA GLY A 353 -4.47 -1.69 3.89
C GLY A 353 -4.73 -3.18 3.71
N PRO A 354 -3.91 -4.03 4.36
CA PRO A 354 -4.02 -5.48 4.20
C PRO A 354 -5.39 -6.04 4.58
N ALA A 355 -6.08 -5.41 5.53
CA ALA A 355 -7.46 -5.76 5.80
C ALA A 355 -8.38 -4.61 5.42
N GLY A 356 -8.00 -3.85 4.38
CA GLY A 356 -8.81 -2.71 3.96
C GLY A 356 -10.11 -3.19 3.35
N PHE A 357 -11.24 -2.72 3.89
CA PHE A 357 -12.50 -3.21 3.35
C PHE A 357 -12.83 -2.68 1.94
N TRP A 358 -12.30 -1.51 1.58
CA TRP A 358 -12.35 -1.07 0.17
C TRP A 358 -11.41 -1.89 -0.72
N GLU A 359 -10.15 -2.01 -0.31
CA GLU A 359 -9.16 -2.74 -1.09
C GLU A 359 -9.63 -4.17 -1.41
N SER A 360 -10.39 -4.76 -0.49
CA SER A 360 -10.96 -6.11 -0.71
C SER A 360 -12.03 -6.14 -1.79
N ASP A 361 -12.82 -5.07 -1.91
CA ASP A 361 -13.80 -4.99 -3.00
C ASP A 361 -13.09 -5.13 -4.35
N ASP A 362 -11.90 -4.55 -4.44
CA ASP A 362 -11.16 -4.45 -5.72
C ASP A 362 -10.45 -5.72 -6.10
N ASN A 363 -10.13 -6.52 -5.11
CA ASN A 363 -9.35 -7.74 -5.31
C ASN A 363 -9.76 -8.60 -6.49
N ASP A 364 -11.01 -9.02 -6.54
CA ASP A 364 -11.46 -9.92 -7.60
C ASP A 364 -11.43 -9.23 -8.96
N ASN A 365 -11.69 -7.92 -8.96
CA ASN A 365 -11.56 -7.14 -10.19
C ASN A 365 -10.14 -7.23 -10.75
N MET A 366 -9.14 -6.98 -9.92
CA MET A 366 -7.75 -6.92 -10.37
C MET A 366 -7.25 -8.30 -10.70
N GLU A 367 -7.55 -9.26 -9.83
CA GLU A 367 -7.05 -10.62 -10.06
C GLU A 367 -7.65 -11.29 -11.29
N THR A 368 -8.97 -11.25 -11.45
CA THR A 368 -9.53 -12.01 -12.57
C THR A 368 -9.27 -11.34 -13.90
N ALA A 369 -9.32 -10.01 -13.92
CA ALA A 369 -9.00 -9.27 -15.14
C ALA A 369 -7.58 -9.60 -15.55
N SER A 370 -6.67 -9.71 -14.59
CA SER A 370 -5.29 -10.04 -14.91
C SER A 370 -5.17 -11.49 -15.37
N GLN A 371 -5.83 -12.41 -14.68
CA GLN A 371 -5.68 -13.83 -15.01
C GLN A 371 -6.33 -14.19 -16.34
N ASN A 372 -7.42 -13.52 -16.69
CA ASN A 372 -8.05 -13.75 -17.98
C ASN A 372 -7.11 -13.44 -19.16
N GLY A 373 -6.10 -12.61 -18.93
CA GLY A 373 -5.12 -12.27 -19.94
C GLY A 373 -4.22 -13.42 -20.35
N LYS A 374 -4.26 -14.51 -19.57
CA LYS A 374 -3.54 -15.73 -19.91
C LYS A 374 -4.43 -16.71 -20.67
N LYS A 375 -5.75 -16.54 -20.59
CA LYS A 375 -6.65 -17.51 -21.21
C LYS A 375 -6.64 -17.41 -22.75
N TYR A 376 -6.61 -18.57 -23.40
CA TYR A 376 -6.33 -18.64 -24.83
C TYR A 376 -7.23 -17.77 -25.70
N GLN A 377 -8.53 -17.76 -25.40
CA GLN A 377 -9.49 -17.03 -26.24
C GLN A 377 -9.57 -15.55 -25.91
N SER A 378 -8.84 -15.12 -24.88
CA SER A 378 -8.88 -13.72 -24.47
C SER A 378 -7.56 -12.99 -24.78
N ARG A 379 -6.50 -13.73 -25.07
CA ARG A 379 -5.19 -13.09 -25.25
C ARG A 379 -5.24 -11.98 -26.30
N ASP A 380 -5.85 -12.29 -27.45
CA ASP A 380 -5.95 -11.36 -28.58
C ASP A 380 -7.22 -10.48 -28.53
N SER A 381 -7.96 -10.52 -27.42
CA SER A 381 -9.12 -9.64 -27.25
C SER A 381 -8.72 -8.20 -26.87
N ASP A 382 -9.66 -7.27 -27.01
CA ASP A 382 -9.36 -5.87 -26.73
C ASP A 382 -10.03 -5.33 -25.47
N LEU A 383 -9.21 -4.92 -24.50
CA LEU A 383 -9.67 -4.13 -23.36
C LEU A 383 -10.01 -2.73 -23.87
N LEU A 384 -11.17 -2.21 -23.48
CA LEU A 384 -11.65 -0.94 -24.00
C LEU A 384 -11.41 0.19 -23.02
N SER A 385 -10.91 1.32 -23.54
CA SER A 385 -10.73 2.54 -22.74
C SER A 385 -11.07 3.77 -23.57
N ASN A 386 -12.29 3.78 -24.10
CA ASN A 386 -12.74 4.84 -24.99
C ASN A 386 -13.68 5.87 -24.35
N LEU A 387 -14.03 5.68 -23.09
CA LEU A 387 -14.95 6.60 -22.42
C LEU A 387 -14.41 8.02 -22.39
N GLY A 388 -15.17 8.96 -22.96
CA GLY A 388 -14.81 10.37 -22.94
C GLY A 388 -13.96 10.79 -24.13
N PHE A 389 -13.58 9.83 -24.96
CA PHE A 389 -12.74 10.11 -26.11
C PHE A 389 -13.46 11.04 -27.08
N GLY A 390 -12.69 11.94 -27.68
CA GLY A 390 -13.24 12.96 -28.56
C GLY A 390 -13.70 14.21 -27.84
N GLU A 391 -13.51 14.26 -26.53
CA GLU A 391 -13.88 15.45 -25.76
C GLU A 391 -12.75 15.94 -24.89
N ASP A 392 -11.61 15.28 -24.98
CA ASP A 392 -10.42 15.73 -24.25
C ASP A 392 -9.82 16.99 -24.90
N VAL A 393 -9.29 17.89 -24.08
CA VAL A 393 -8.61 19.08 -24.59
C VAL A 393 -7.15 19.10 -24.14
N TYR A 394 -6.34 19.93 -24.79
CA TYR A 394 -4.99 20.20 -24.34
C TYR A 394 -4.77 21.71 -24.29
N GLY A 395 -3.95 22.17 -23.34
CA GLY A 395 -3.57 23.58 -23.28
C GLY A 395 -4.65 24.52 -22.78
N ASP A 396 -5.60 23.99 -22.01
CA ASP A 396 -6.68 24.79 -21.42
C ASP A 396 -6.08 25.93 -20.61
N ALA A 397 -6.81 27.04 -20.50
CA ALA A 397 -6.27 28.22 -19.80
C ALA A 397 -6.15 28.03 -18.29
N VAL A 398 -6.92 27.11 -17.72
CA VAL A 398 -6.92 26.90 -16.27
C VAL A 398 -6.27 25.58 -15.82
N TYR A 399 -6.55 24.48 -16.54
CA TYR A 399 -6.09 23.15 -16.13
C TYR A 399 -5.15 22.51 -17.16
N PRO A 400 -3.87 22.35 -16.80
CA PRO A 400 -2.83 21.89 -17.74
C PRO A 400 -2.89 20.39 -18.03
N GLY A 401 -2.32 19.97 -19.15
CA GLY A 401 -2.29 18.56 -19.50
C GLY A 401 -3.35 18.22 -20.52
N VAL A 402 -3.47 16.94 -20.86
CA VAL A 402 -4.64 16.49 -21.63
C VAL A 402 -5.73 16.26 -20.59
N VAL A 403 -6.84 16.96 -20.75
CA VAL A 403 -7.83 17.07 -19.69
C VAL A 403 -9.22 16.69 -20.18
N GLY A 404 -9.90 15.82 -19.43
CA GLY A 404 -11.31 15.55 -19.66
C GLY A 404 -12.10 16.32 -18.61
N LYS A 405 -12.97 17.23 -19.03
CA LYS A 405 -13.67 18.09 -18.06
C LYS A 405 -14.95 17.42 -17.61
N SER A 406 -14.79 16.20 -17.07
CA SER A 406 -15.88 15.46 -16.47
C SER A 406 -15.28 14.50 -15.45
N ALA A 407 -15.99 14.25 -14.36
CA ALA A 407 -15.42 13.50 -13.24
C ALA A 407 -15.12 12.04 -13.58
N ILE A 408 -15.94 11.44 -14.43
CA ILE A 408 -15.83 10.02 -14.75
C ILE A 408 -15.57 9.78 -16.25
N GLY A 409 -14.50 9.05 -16.55
CA GLY A 409 -14.08 8.81 -17.93
C GLY A 409 -12.78 8.02 -17.98
N GLU A 410 -12.22 7.84 -19.18
CA GLU A 410 -11.02 7.01 -19.35
C GLU A 410 -9.83 7.75 -19.99
N THR A 411 -9.88 9.07 -19.91
CA THR A 411 -8.80 9.94 -20.38
C THR A 411 -7.43 9.49 -19.83
N SER A 412 -7.37 9.21 -18.53
CA SER A 412 -6.12 8.85 -17.90
C SER A 412 -5.61 7.46 -18.28
N TYR A 413 -6.52 6.54 -18.57
CA TYR A 413 -6.12 5.25 -19.13
C TYR A 413 -5.40 5.43 -20.45
N ARG A 414 -6.00 6.24 -21.32
CA ARG A 414 -5.44 6.45 -22.66
C ARG A 414 -4.03 7.03 -22.55
N GLY A 415 -3.86 8.01 -21.68
CA GLY A 415 -2.56 8.62 -21.46
C GLY A 415 -1.56 7.63 -20.86
N PHE A 416 -2.02 6.83 -19.92
CA PHE A 416 -1.17 5.81 -19.29
C PHE A 416 -0.69 4.80 -20.33
N TYR A 417 -1.62 4.24 -21.11
CA TYR A 417 -1.22 3.24 -22.09
C TYR A 417 -0.51 3.77 -23.34
N ARG A 418 -0.72 5.04 -23.67
CA ARG A 418 0.07 5.63 -24.73
C ARG A 418 1.53 5.61 -24.34
N ALA A 419 1.84 6.08 -23.13
CA ALA A 419 3.22 6.10 -22.67
C ALA A 419 3.77 4.67 -22.56
N TYR A 420 2.92 3.76 -22.09
CA TYR A 420 3.33 2.37 -21.95
C TYR A 420 3.72 1.76 -23.30
N GLN A 421 2.89 1.97 -24.31
CA GLN A 421 3.19 1.46 -25.64
C GLN A 421 4.46 2.11 -26.19
N ALA A 422 4.61 3.40 -25.96
CA ALA A 422 5.77 4.13 -26.46
C ALA A 422 7.08 3.54 -25.92
N HIS A 423 7.12 3.25 -24.62
CA HIS A 423 8.29 2.61 -24.02
C HIS A 423 8.53 1.18 -24.51
N VAL A 424 7.47 0.38 -24.57
CA VAL A 424 7.61 -1.03 -24.91
C VAL A 424 8.22 -1.22 -26.30
N SER A 425 7.92 -0.29 -27.20
CA SER A 425 8.46 -0.37 -28.57
C SER A 425 9.72 0.47 -28.76
N SER A 426 10.31 0.96 -27.68
CA SER A 426 11.50 1.81 -27.75
C SER A 426 12.69 1.17 -27.03
N SER A 427 13.91 1.49 -27.49
CA SER A 427 15.12 0.88 -26.97
C SER A 427 15.82 1.78 -25.97
N ASN A 428 15.40 3.03 -25.93
CA ASN A 428 16.00 4.04 -25.07
C ASN A 428 15.11 5.28 -24.96
N TRP A 429 15.50 6.22 -24.12
CA TRP A 429 14.72 7.44 -23.93
C TRP A 429 14.60 8.29 -25.20
N ALA A 430 15.65 8.30 -26.02
CA ALA A 430 15.60 9.07 -27.28
C ALA A 430 14.48 8.58 -28.16
N GLU A 431 14.34 7.25 -28.24
CA GLU A 431 13.27 6.66 -29.04
C GLU A 431 11.87 6.88 -28.43
N PHE A 432 11.77 6.86 -27.10
CA PHE A 432 10.49 7.17 -26.48
C PHE A 432 10.10 8.60 -26.88
N GLU A 433 11.04 9.53 -26.75
CA GLU A 433 10.76 10.93 -27.06
C GLU A 433 10.34 11.08 -28.51
N HIS A 434 11.01 10.36 -29.40
CA HIS A 434 10.61 10.39 -30.80
C HIS A 434 9.20 9.84 -30.99
N ALA A 435 8.87 8.78 -30.26
CA ALA A 435 7.54 8.17 -30.36
C ALA A 435 6.49 8.99 -29.62
N SER A 436 6.91 10.04 -28.93
CA SER A 436 5.96 10.85 -28.13
C SER A 436 5.86 12.31 -28.58
N SER A 437 6.38 12.63 -29.76
CA SER A 437 6.43 14.02 -30.23
C SER A 437 5.05 14.64 -30.49
N THR A 438 4.06 13.81 -30.82
CA THR A 438 2.69 14.30 -31.00
C THR A 438 1.72 13.69 -29.99
N TRP A 439 2.21 13.47 -28.76
CA TRP A 439 1.45 12.76 -27.75
C TRP A 439 0.07 13.39 -27.46
N HIS A 440 0.02 14.70 -27.27
CA HIS A 440 -1.27 15.28 -26.89
C HIS A 440 -2.22 15.35 -28.09
N THR A 441 -1.65 15.57 -29.28
CA THR A 441 -2.44 15.51 -30.51
C THR A 441 -3.09 14.13 -30.70
N GLU A 442 -2.33 13.08 -30.41
CA GLU A 442 -2.88 11.72 -30.51
C GLU A 442 -4.01 11.49 -29.51
N LEU A 443 -3.86 12.02 -28.31
CA LEU A 443 -4.88 11.84 -27.26
C LEU A 443 -6.15 12.68 -27.48
N THR A 444 -6.08 13.75 -28.28
CA THR A 444 -7.24 14.63 -28.47
C THR A 444 -7.92 14.52 -29.84
N LYS A 445 -7.62 13.45 -30.59
CA LYS A 445 -7.91 13.36 -32.04
C LYS A 445 -9.34 13.58 -32.60
N THR A 446 -10.39 13.18 -31.89
CA THR A 446 -11.75 13.34 -32.43
C THR A 446 -12.37 14.67 -31.97
N THR A 447 -11.80 15.23 -30.91
CA THR A 447 -12.17 16.57 -30.43
C THR A 447 -11.91 17.64 -31.50
N ASP A 448 -11.05 17.32 -32.47
N MET B 2 10.34 -16.20 36.35
CA MET B 2 10.86 -17.25 35.48
C MET B 2 11.97 -16.72 34.57
N ILE B 3 11.60 -15.88 33.61
CA ILE B 3 12.53 -15.43 32.57
C ILE B 3 13.34 -14.20 32.97
N ASN B 4 14.63 -14.22 32.64
CA ASN B 4 15.51 -13.05 32.70
C ASN B 4 15.91 -12.72 31.28
N ILE B 5 15.46 -11.57 30.76
CA ILE B 5 15.67 -11.25 29.35
C ILE B 5 17.08 -10.77 28.99
N GLN B 6 17.93 -10.58 30.00
CA GLN B 6 19.34 -10.34 29.74
C GLN B 6 20.06 -11.65 29.41
N GLU B 7 19.59 -12.74 30.00
CA GLU B 7 20.13 -14.07 29.70
C GLU B 7 19.43 -14.67 28.49
N ASP B 8 18.10 -14.65 28.52
CA ASP B 8 17.31 -15.12 27.38
C ASP B 8 17.21 -13.99 26.38
N LYS B 9 18.28 -13.85 25.60
CA LYS B 9 18.51 -12.66 24.79
C LYS B 9 17.52 -12.44 23.64
N LEU B 10 16.76 -13.47 23.27
CA LEU B 10 15.82 -13.34 22.16
C LEU B 10 14.41 -12.96 22.63
N VAL B 11 14.20 -12.95 23.94
CA VAL B 11 12.86 -12.71 24.51
C VAL B 11 12.62 -11.23 24.69
N SER B 12 11.47 -10.75 24.21
CA SER B 12 11.09 -9.35 24.44
C SER B 12 10.54 -9.13 25.84
N ALA B 13 10.66 -7.91 26.34
CA ALA B 13 10.10 -7.56 27.64
C ALA B 13 8.61 -7.87 27.66
N HIS B 14 7.92 -7.54 26.58
CA HIS B 14 6.48 -7.80 26.51
C HIS B 14 6.18 -9.29 26.64
N ASP B 15 6.87 -10.11 25.86
CA ASP B 15 6.63 -11.55 25.91
C ASP B 15 6.92 -12.14 27.29
N ALA B 16 8.00 -11.70 27.93
CA ALA B 16 8.32 -12.19 29.28
C ALA B 16 7.25 -11.78 30.30
N GLU B 17 6.68 -10.59 30.14
CA GLU B 17 5.61 -10.13 31.04
C GLU B 17 4.39 -11.04 30.93
N GLU B 18 3.96 -11.31 29.69
CA GLU B 18 2.82 -12.18 29.45
C GLU B 18 2.96 -13.59 30.00
N ILE B 19 4.16 -14.14 29.96
CA ILE B 19 4.33 -15.49 30.48
C ILE B 19 4.20 -15.55 32.01
N LEU B 20 4.68 -14.52 32.69
CA LEU B 20 4.59 -14.41 34.14
C LEU B 20 3.13 -14.44 34.59
N ARG B 21 2.26 -13.93 33.74
CA ARG B 21 0.84 -13.82 34.03
C ARG B 21 0.16 -15.19 34.20
N PHE B 22 0.56 -16.18 33.41
CA PHE B 22 -0.11 -17.49 33.42
C PHE B 22 0.61 -18.54 34.25
N PHE B 23 1.81 -18.21 34.71
CA PHE B 23 2.62 -19.17 35.44
C PHE B 23 2.32 -19.25 36.93
N ASN B 24 2.12 -18.08 37.52
CA ASN B 24 2.01 -17.94 38.97
C ASN B 24 0.83 -18.71 39.57
N CYS B 25 -0.32 -18.58 38.93
CA CYS B 25 -1.53 -19.24 39.40
C CYS B 25 -2.23 -19.98 38.28
N HIS B 26 -2.46 -21.27 38.51
CA HIS B 26 -3.26 -22.04 37.57
C HIS B 26 -4.60 -22.40 38.20
N ASP B 27 -5.67 -22.10 37.47
CA ASP B 27 -7.05 -22.34 37.89
C ASP B 27 -7.72 -23.00 36.70
N SER B 28 -7.78 -24.33 36.69
CA SER B 28 -8.26 -25.02 35.49
C SER B 28 -9.76 -24.84 35.23
N ALA B 29 -10.46 -24.18 36.14
CA ALA B 29 -11.87 -23.89 35.95
C ALA B 29 -12.05 -22.62 35.12
N LEU B 30 -11.18 -21.65 35.37
CA LEU B 30 -11.11 -20.43 34.57
C LEU B 30 -10.66 -20.82 33.17
N GLN B 31 -9.81 -21.84 33.12
CA GLN B 31 -9.30 -22.32 31.84
C GLN B 31 -10.43 -22.95 31.04
N GLN B 32 -11.38 -23.56 31.74
CA GLN B 32 -12.53 -24.18 31.08
C GLN B 32 -13.56 -23.15 30.61
N GLU B 33 -13.78 -22.12 31.39
CA GLU B 33 -14.65 -21.03 30.98
C GLU B 33 -14.07 -20.42 29.71
N ALA B 34 -12.75 -20.23 29.71
CA ALA B 34 -12.05 -19.60 28.58
C ALA B 34 -12.15 -20.46 27.32
N THR B 35 -12.00 -21.77 27.49
CA THR B 35 -12.08 -22.67 26.35
C THR B 35 -13.48 -22.61 25.73
N THR B 36 -14.50 -22.61 26.58
CA THR B 36 -15.87 -22.55 26.09
C THR B 36 -16.13 -21.22 25.40
N LEU B 37 -15.69 -20.13 26.03
CA LEU B 37 -15.87 -18.80 25.47
C LEU B 37 -15.32 -18.70 24.04
N LEU B 38 -14.09 -19.19 23.88
CA LEU B 38 -13.38 -19.09 22.59
C LEU B 38 -13.92 -20.05 21.55
N THR B 39 -14.30 -21.24 21.99
CA THR B 39 -14.92 -22.22 21.08
C THR B 39 -16.25 -21.69 20.54
N GLN B 40 -17.05 -21.06 21.39
CA GLN B 40 -18.33 -20.53 20.93
C GLN B 40 -18.12 -19.33 20.01
N GLU B 41 -17.15 -18.48 20.34
CA GLU B 41 -16.82 -17.34 19.47
C GLU B 41 -16.38 -17.84 18.09
N ALA B 42 -15.51 -18.82 18.08
CA ALA B 42 -15.03 -19.38 16.81
C ALA B 42 -16.17 -19.99 16.01
N HIS B 43 -17.11 -20.62 16.70
CA HIS B 43 -18.26 -21.25 16.04
C HIS B 43 -19.10 -20.18 15.35
N LEU B 44 -19.41 -19.11 16.07
CA LEU B 44 -20.22 -18.02 15.50
C LEU B 44 -19.55 -17.37 14.28
N LEU B 45 -18.25 -17.12 14.40
CA LEU B 45 -17.50 -16.54 13.29
C LEU B 45 -17.46 -17.51 12.12
N ASP B 46 -17.29 -18.80 12.39
CA ASP B 46 -17.21 -19.78 11.32
C ASP B 46 -18.49 -19.88 10.50
N ILE B 47 -19.64 -19.71 11.13
CA ILE B 47 -20.91 -19.76 10.40
C ILE B 47 -21.34 -18.39 9.88
N GLN B 48 -20.45 -17.41 10.08
CA GLN B 48 -20.63 -16.03 9.63
C GLN B 48 -21.81 -15.31 10.27
N ALA B 49 -22.10 -15.69 11.52
CA ALA B 49 -23.05 -14.97 12.36
C ALA B 49 -22.38 -13.76 12.96
N TYR B 50 -21.99 -12.81 12.11
CA TYR B 50 -21.23 -11.65 12.58
C TYR B 50 -22.03 -10.74 13.52
N ARG B 51 -23.34 -10.65 13.31
CA ARG B 51 -24.16 -9.86 14.25
C ARG B 51 -24.21 -10.48 15.61
N ALA B 52 -24.44 -11.79 15.64
CA ALA B 52 -24.39 -12.56 16.89
C ALA B 52 -23.04 -12.45 17.60
N TRP B 53 -21.95 -12.53 16.83
CA TRP B 53 -20.62 -12.31 17.38
C TRP B 53 -20.51 -10.96 18.10
N LEU B 54 -20.95 -9.90 17.45
CA LEU B 54 -20.92 -8.57 18.06
C LEU B 54 -21.75 -8.51 19.35
N GLU B 55 -22.96 -9.04 19.28
CA GLU B 55 -23.91 -8.96 20.38
C GLU B 55 -23.47 -9.80 21.57
N HIS B 56 -22.96 -11.00 21.30
CA HIS B 56 -22.68 -11.97 22.34
C HIS B 56 -21.21 -12.03 22.80
N CYS B 57 -20.27 -11.64 21.95
CA CYS B 57 -18.85 -11.85 22.24
C CYS B 57 -18.04 -10.57 22.40
N VAL B 58 -18.54 -9.45 21.91
CA VAL B 58 -17.71 -8.25 21.81
C VAL B 58 -18.24 -7.11 22.69
N GLY B 59 -17.38 -6.63 23.59
CA GLY B 59 -17.78 -5.59 24.55
C GLY B 59 -17.80 -4.20 23.93
N SER B 60 -18.63 -3.31 24.46
CA SER B 60 -18.78 -1.98 23.88
C SER B 60 -17.48 -1.17 23.91
N GLU B 61 -16.61 -1.48 24.87
CA GLU B 61 -15.34 -0.76 25.03
C GLU B 61 -14.16 -1.43 24.32
N VAL B 62 -14.46 -2.34 23.39
CA VAL B 62 -13.42 -3.17 22.75
C VAL B 62 -12.35 -2.39 21.96
N GLN B 63 -11.11 -2.85 22.08
CA GLN B 63 -10.08 -2.50 21.10
C GLN B 63 -9.67 -3.80 20.43
N TYR B 64 -9.90 -3.89 19.13
CA TYR B 64 -9.59 -5.09 18.35
C TYR B 64 -8.44 -4.77 17.41
N GLN B 65 -7.25 -5.28 17.72
CA GLN B 65 -6.04 -4.78 17.08
C GLN B 65 -5.14 -5.90 16.54
N VAL B 66 -4.72 -5.76 15.28
CA VAL B 66 -3.74 -6.67 14.67
C VAL B 66 -2.64 -5.81 14.06
N ILE B 67 -1.38 -6.01 14.44
CA ILE B 67 -0.30 -5.19 13.90
C ILE B 67 0.61 -5.98 12.97
N SER B 68 1.31 -5.27 12.11
CA SER B 68 2.38 -5.85 11.30
C SER B 68 3.63 -5.07 11.64
N ARG B 69 4.63 -5.77 12.16
CA ARG B 69 5.83 -5.12 12.68
C ARG B 69 6.93 -5.09 11.63
N GLU B 70 7.54 -3.92 11.42
CA GLU B 70 8.64 -3.81 10.46
C GLU B 70 9.83 -4.67 10.88
N LEU B 71 10.44 -5.35 9.91
CA LEU B 71 11.64 -6.16 10.16
C LEU B 71 12.82 -5.24 10.42
N ARG B 72 13.40 -5.36 11.60
CA ARG B 72 14.54 -4.54 11.98
C ARG B 72 15.65 -5.46 12.47
N ALA B 73 16.88 -4.94 12.49
CA ALA B 73 18.02 -5.75 12.88
C ALA B 73 17.95 -6.11 14.36
N ALA B 74 18.33 -7.33 14.70
CA ALA B 74 18.27 -7.78 16.08
C ALA B 74 19.11 -6.86 16.98
N SER B 75 20.18 -6.32 16.41
CA SER B 75 21.06 -5.40 17.14
C SER B 75 20.70 -3.93 17.00
N GLU B 76 19.61 -3.62 16.28
CA GLU B 76 19.20 -2.22 16.05
C GLU B 76 18.94 -1.50 17.37
N ARG B 77 19.25 -0.22 17.42
CA ARG B 77 19.24 0.52 18.67
C ARG B 77 19.23 2.03 18.46
N ARG B 78 19.28 2.48 17.20
CA ARG B 78 19.26 3.90 16.88
C ARG B 78 17.95 4.31 16.20
N TYR B 79 17.60 3.60 15.14
CA TYR B 79 16.40 3.89 14.36
C TYR B 79 15.14 3.77 15.22
N LYS B 80 14.44 4.89 15.39
CA LYS B 80 13.29 4.94 16.31
C LYS B 80 11.98 5.44 15.69
N LEU B 81 11.71 5.09 14.43
CA LEU B 81 10.46 5.47 13.79
C LEU B 81 9.43 4.36 14.01
N ASN B 82 8.15 4.69 13.83
CA ASN B 82 7.00 3.77 14.03
C ASN B 82 7.36 2.32 13.72
N GLU B 83 7.31 1.48 14.74
CA GLU B 83 7.72 0.07 14.62
C GLU B 83 6.72 -0.79 13.87
N ALA B 84 5.44 -0.41 13.96
CA ALA B 84 4.38 -1.25 13.42
C ALA B 84 3.25 -0.43 12.80
N MET B 85 2.51 -1.06 11.89
CA MET B 85 1.28 -0.46 11.39
C MET B 85 0.10 -1.30 11.87
N ASN B 86 -1.12 -0.75 11.80
CA ASN B 86 -2.30 -1.46 12.28
C ASN B 86 -3.08 -2.04 11.13
N VAL B 87 -3.09 -3.37 11.02
CA VAL B 87 -3.92 -4.03 10.03
C VAL B 87 -5.36 -3.86 10.51
N TYR B 88 -5.55 -4.04 11.82
CA TYR B 88 -6.80 -3.68 12.49
C TYR B 88 -6.46 -2.83 13.71
N ASN B 89 -7.32 -1.88 14.03
CA ASN B 89 -7.26 -1.21 15.32
C ASN B 89 -8.63 -0.60 15.57
N GLU B 90 -9.59 -1.48 15.85
CA GLU B 90 -11.01 -1.14 15.76
C GLU B 90 -11.69 -0.92 17.11
N ASN B 91 -12.52 0.12 17.18
CA ASN B 91 -13.46 0.22 18.29
C ASN B 91 -14.73 -0.51 17.88
N PHE B 92 -15.71 -0.60 18.77
CA PHE B 92 -16.95 -1.32 18.49
C PHE B 92 -17.65 -0.78 17.26
N GLN B 93 -17.71 0.54 17.13
CA GLN B 93 -18.34 1.16 15.98
C GLN B 93 -17.67 0.77 14.67
N GLN B 94 -16.35 0.71 14.68
CA GLN B 94 -15.59 0.31 13.50
C GLN B 94 -15.78 -1.18 13.15
N LEU B 95 -15.81 -2.05 14.17
CA LEU B 95 -16.18 -3.44 13.96
C LEU B 95 -17.57 -3.52 13.33
N LYS B 96 -18.49 -2.72 13.83
CA LYS B 96 -19.86 -2.70 13.29
C LYS B 96 -19.89 -2.35 11.78
N VAL B 97 -19.05 -1.39 11.36
CA VAL B 97 -18.96 -1.00 9.96
C VAL B 97 -18.52 -2.21 9.12
N ARG B 98 -17.51 -2.91 9.62
CA ARG B 98 -16.99 -4.09 8.93
C ARG B 98 -18.03 -5.22 8.87
N VAL B 99 -18.83 -5.34 9.93
CA VAL B 99 -19.88 -6.37 9.97
C VAL B 99 -20.97 -6.02 8.97
N GLU B 100 -21.37 -4.74 8.94
CA GLU B 100 -22.32 -4.26 7.92
C GLU B 100 -21.81 -4.53 6.51
N HIS B 101 -20.52 -4.31 6.31
CA HIS B 101 -19.92 -4.55 5.01
C HIS B 101 -20.03 -6.03 4.59
N GLN B 102 -19.83 -6.94 5.53
CA GLN B 102 -19.97 -8.36 5.26
C GLN B 102 -21.41 -8.76 4.90
N LEU B 103 -22.39 -8.15 5.57
CA LEU B 103 -23.77 -8.55 5.40
C LEU B 103 -24.47 -7.88 4.21
N ASP B 104 -23.87 -6.84 3.65
CA ASP B 104 -24.49 -6.08 2.56
C ASP B 104 -24.68 -6.97 1.33
N PRO B 105 -25.90 -7.00 0.78
CA PRO B 105 -26.23 -7.83 -0.39
C PRO B 105 -25.45 -7.43 -1.64
N GLN B 106 -24.85 -6.25 -1.66
CA GLN B 106 -24.00 -5.84 -2.76
C GLN B 106 -22.50 -6.01 -2.49
N ASN B 107 -22.15 -6.76 -1.44
CA ASN B 107 -20.76 -7.15 -1.27
C ASN B 107 -20.56 -8.30 -2.25
N TRP B 108 -20.05 -7.99 -3.44
CA TRP B 108 -19.95 -8.98 -4.52
C TRP B 108 -18.99 -10.11 -4.14
N GLY B 109 -17.98 -9.78 -3.32
CA GLY B 109 -16.95 -10.73 -2.94
C GLY B 109 -17.48 -11.89 -2.13
N ASN B 110 -18.67 -11.72 -1.56
CA ASN B 110 -19.28 -12.77 -0.75
C ASN B 110 -20.23 -13.68 -1.51
N SER B 111 -20.19 -13.61 -2.83
CA SER B 111 -21.02 -14.49 -3.66
C SER B 111 -20.12 -15.13 -4.69
N PRO B 112 -20.01 -16.47 -4.66
CA PRO B 112 -20.67 -17.42 -3.75
C PRO B 112 -20.16 -17.34 -2.30
N LYS B 113 -20.98 -17.80 -1.36
CA LYS B 113 -20.67 -17.74 0.07
C LYS B 113 -19.29 -18.31 0.42
N LEU B 114 -18.54 -17.59 1.25
CA LEU B 114 -17.23 -18.04 1.72
C LEU B 114 -17.39 -19.23 2.65
N ARG B 115 -16.31 -19.96 2.91
CA ARG B 115 -16.30 -21.01 3.93
C ARG B 115 -15.13 -20.79 4.90
N PHE B 116 -15.46 -20.68 6.18
CA PHE B 116 -14.47 -20.51 7.25
C PHE B 116 -14.43 -21.70 8.19
N THR B 117 -13.21 -22.09 8.59
CA THR B 117 -13.03 -23.12 9.61
C THR B 117 -11.91 -22.66 10.53
N ARG B 118 -12.21 -22.50 11.82
CA ARG B 118 -11.22 -22.04 12.79
C ARG B 118 -10.74 -23.13 13.73
N PHE B 119 -9.45 -23.13 14.05
CA PHE B 119 -8.90 -24.11 15.00
C PHE B 119 -8.22 -23.34 16.11
N ILE B 120 -8.80 -23.43 17.32
CA ILE B 120 -8.31 -22.71 18.48
C ILE B 120 -7.57 -23.67 19.40
N THR B 121 -6.34 -23.33 19.77
CA THR B 121 -5.53 -24.20 20.61
C THR B 121 -4.76 -23.42 21.66
N ASN B 122 -4.10 -24.13 22.57
CA ASN B 122 -3.17 -23.52 23.52
C ASN B 122 -3.82 -22.45 24.40
N VAL B 123 -5.03 -22.73 24.87
CA VAL B 123 -5.75 -21.75 25.69
C VAL B 123 -5.12 -21.65 27.09
N GLN B 124 -4.90 -20.42 27.54
CA GLN B 124 -4.47 -20.13 28.90
C GLN B 124 -5.35 -19.02 29.44
N ALA B 125 -5.63 -19.03 30.73
CA ALA B 125 -6.47 -18.00 31.30
C ALA B 125 -5.96 -17.60 32.66
N ALA B 126 -6.02 -16.31 32.98
CA ALA B 126 -5.69 -15.83 34.33
C ALA B 126 -6.39 -14.52 34.59
N MET B 127 -6.87 -14.34 35.83
CA MET B 127 -7.48 -13.07 36.23
C MET B 127 -6.41 -12.01 36.42
N ASP B 128 -6.72 -10.77 36.05
CA ASP B 128 -5.81 -9.67 36.31
C ASP B 128 -5.68 -9.52 37.82
N VAL B 129 -4.49 -9.17 38.29
CA VAL B 129 -4.23 -9.04 39.73
C VAL B 129 -4.91 -7.80 40.33
N ASN B 130 -4.98 -6.73 39.54
CA ASN B 130 -5.46 -5.44 40.02
C ASN B 130 -6.95 -5.19 39.79
N ASP B 131 -7.44 -5.64 38.63
CA ASP B 131 -8.88 -5.62 38.34
C ASP B 131 -9.38 -7.05 38.36
N LYS B 132 -10.10 -7.41 39.42
CA LYS B 132 -10.53 -8.79 39.63
C LYS B 132 -11.70 -9.22 38.74
N GLU B 133 -12.12 -8.35 37.83
CA GLU B 133 -13.19 -8.67 36.89
C GLU B 133 -12.67 -8.77 35.45
N LEU B 134 -11.36 -8.59 35.31
CA LEU B 134 -10.73 -8.67 34.01
C LEU B 134 -10.05 -10.03 33.82
N LEU B 135 -10.50 -10.76 32.82
CA LEU B 135 -9.93 -12.06 32.50
C LEU B 135 -8.92 -11.96 31.33
N HIS B 136 -7.68 -12.39 31.56
CA HIS B 136 -6.71 -12.48 30.49
C HIS B 136 -6.79 -13.87 29.85
N ILE B 137 -6.97 -13.94 28.53
CA ILE B 137 -6.96 -15.22 27.84
C ILE B 137 -6.00 -15.18 26.65
N ARG B 138 -5.11 -16.16 26.61
CA ARG B 138 -4.19 -16.28 25.47
C ARG B 138 -4.59 -17.54 24.73
N SER B 139 -4.57 -17.46 23.40
CA SER B 139 -4.91 -18.62 22.57
C SER B 139 -4.32 -18.47 21.19
N ASN B 140 -4.12 -19.59 20.49
CA ASN B 140 -3.57 -19.55 19.13
C ASN B 140 -4.64 -19.98 18.14
N VAL B 141 -4.67 -19.37 16.96
CA VAL B 141 -5.66 -19.74 15.95
C VAL B 141 -5.04 -20.11 14.60
N ILE B 142 -5.57 -21.18 14.00
CA ILE B 142 -5.37 -21.45 12.60
C ILE B 142 -6.72 -21.15 11.98
N LEU B 143 -6.73 -20.31 10.94
CA LEU B 143 -7.99 -19.93 10.31
C LEU B 143 -7.86 -20.27 8.84
N HIS B 144 -8.77 -21.13 8.39
CA HIS B 144 -8.82 -21.60 7.02
C HIS B 144 -10.00 -20.93 6.30
N ARG B 145 -9.70 -20.22 5.21
CA ARG B 145 -10.74 -19.57 4.41
C ARG B 145 -10.72 -20.10 2.97
N ALA B 146 -11.87 -20.57 2.48
CA ALA B 146 -11.94 -21.13 1.13
C ALA B 146 -13.04 -20.42 0.36
N ARG B 147 -12.75 -20.10 -0.89
CA ARG B 147 -13.75 -19.43 -1.73
C ARG B 147 -13.50 -19.69 -3.20
N ARG B 148 -14.60 -19.60 -3.96
CA ARG B 148 -14.55 -19.61 -5.41
C ARG B 148 -13.77 -20.76 -6.04
N GLY B 149 -13.95 -21.96 -5.50
CA GLY B 149 -13.44 -23.15 -6.16
C GLY B 149 -12.04 -23.53 -5.73
N ASN B 150 -11.06 -22.68 -6.01
CA ASN B 150 -9.68 -23.07 -5.74
C ASN B 150 -8.87 -22.03 -4.94
N GLN B 151 -9.54 -21.06 -4.34
CA GLN B 151 -8.81 -20.12 -3.47
C GLN B 151 -8.82 -20.63 -2.03
N VAL B 152 -7.62 -20.83 -1.48
CA VAL B 152 -7.48 -21.35 -0.13
C VAL B 152 -6.42 -20.53 0.60
N ASP B 153 -6.82 -19.89 1.70
CA ASP B 153 -5.90 -19.07 2.48
C ASP B 153 -5.93 -19.50 3.92
N VAL B 154 -4.76 -19.68 4.51
CA VAL B 154 -4.65 -20.14 5.89
C VAL B 154 -3.85 -19.15 6.73
N PHE B 155 -4.43 -18.72 7.83
CA PHE B 155 -3.83 -17.73 8.71
C PHE B 155 -3.42 -18.41 10.01
N TYR B 156 -2.34 -17.93 10.61
CA TYR B 156 -1.80 -18.48 11.85
C TYR B 156 -1.46 -17.31 12.77
N ALA B 157 -1.87 -17.36 14.04
CA ALA B 157 -1.62 -16.26 14.97
C ALA B 157 -1.79 -16.63 16.44
N ALA B 158 -1.10 -15.89 17.30
CA ALA B 158 -1.29 -15.98 18.76
C ALA B 158 -2.14 -14.76 19.15
N ARG B 159 -3.14 -14.98 20.02
CA ARG B 159 -4.01 -13.88 20.44
C ARG B 159 -3.91 -13.56 21.92
N GLU B 160 -3.66 -12.29 22.23
CA GLU B 160 -3.68 -11.83 23.62
C GLU B 160 -4.99 -11.08 23.85
N ASP B 161 -5.91 -11.71 24.59
CA ASP B 161 -7.24 -11.15 24.83
C ASP B 161 -7.44 -10.66 26.26
N LYS B 162 -8.36 -9.72 26.43
CA LYS B 162 -8.89 -9.38 27.74
C LYS B 162 -10.39 -9.48 27.61
N TRP B 163 -11.00 -10.21 28.53
CA TRP B 163 -12.44 -10.44 28.49
C TRP B 163 -13.05 -9.96 29.82
N LYS B 164 -14.24 -9.39 29.75
CA LYS B 164 -14.86 -8.83 30.97
C LYS B 164 -16.37 -9.03 30.95
N ARG B 165 -16.97 -9.33 32.10
CA ARG B 165 -18.43 -9.43 32.19
C ARG B 165 -19.09 -8.11 31.92
N GLY B 166 -20.05 -8.13 31.01
CA GLY B 166 -20.81 -6.94 30.66
C GLY B 166 -22.30 -7.21 30.78
N GLU B 167 -23.07 -6.78 29.78
CA GLU B 167 -24.53 -6.94 29.77
C GLU B 167 -25.00 -8.33 30.19
N GLY B 168 -25.80 -8.37 31.25
CA GLY B 168 -26.39 -9.63 31.71
C GLY B 168 -25.38 -10.62 32.24
N GLY B 169 -24.19 -10.12 32.59
CA GLY B 169 -23.14 -10.97 33.14
C GLY B 169 -22.41 -11.83 32.12
N VAL B 170 -22.66 -11.58 30.84
CA VAL B 170 -21.95 -12.28 29.78
C VAL B 170 -20.52 -11.73 29.64
N ARG B 171 -19.53 -12.61 29.66
CA ARG B 171 -18.15 -12.23 29.39
C ARG B 171 -17.96 -11.87 27.93
N LYS B 172 -17.43 -10.68 27.68
CA LYS B 172 -17.20 -10.21 26.32
C LYS B 172 -15.78 -9.72 26.12
N LEU B 173 -15.35 -9.71 24.86
CA LEU B 173 -14.00 -9.30 24.52
C LEU B 173 -13.87 -7.79 24.63
N VAL B 174 -12.91 -7.33 25.42
CA VAL B 174 -12.66 -5.89 25.55
C VAL B 174 -11.33 -5.49 24.92
N GLN B 175 -10.44 -6.46 24.71
CA GLN B 175 -9.24 -6.21 23.93
C GLN B 175 -8.74 -7.49 23.28
N ARG B 176 -8.39 -7.41 21.99
CA ARG B 176 -7.63 -8.47 21.35
C ARG B 176 -6.39 -7.85 20.72
N PHE B 177 -5.23 -8.43 20.98
CA PHE B 177 -3.99 -8.00 20.37
C PHE B 177 -3.34 -9.18 19.66
N VAL B 178 -3.05 -9.00 18.38
CA VAL B 178 -2.32 -9.95 17.57
C VAL B 178 -1.16 -9.20 16.90
N ASP B 179 0.05 -9.72 17.05
CA ASP B 179 1.20 -9.26 16.30
C ASP B 179 1.38 -10.30 15.17
N TYR B 180 0.89 -9.99 13.96
CA TYR B 180 0.82 -11.01 12.92
C TYR B 180 2.19 -11.51 12.50
N PRO B 181 2.37 -12.84 12.47
CA PRO B 181 3.73 -13.37 12.34
C PRO B 181 4.35 -13.29 10.96
N GLU B 182 3.55 -13.20 9.91
CA GLU B 182 4.11 -13.04 8.57
C GLU B 182 4.11 -11.57 8.17
N ARG B 183 5.29 -11.05 7.82
CA ARG B 183 5.42 -9.65 7.41
C ARG B 183 4.75 -9.33 6.07
N ILE B 184 4.98 -10.16 5.06
CA ILE B 184 4.29 -10.02 3.77
C ILE B 184 3.20 -11.09 3.66
N LEU B 185 1.94 -10.65 3.57
CA LEU B 185 0.83 -11.59 3.52
C LEU B 185 0.79 -12.31 2.19
N GLN B 186 0.57 -13.63 2.25
CA GLN B 186 0.45 -14.44 1.03
C GLN B 186 -0.94 -15.09 0.97
N THR B 187 -1.93 -14.35 1.46
CA THR B 187 -3.29 -14.83 1.57
C THR B 187 -4.28 -13.89 0.85
N HIS B 188 -3.78 -13.09 -0.10
CA HIS B 188 -4.56 -12.10 -0.86
C HIS B 188 -4.95 -10.85 -0.05
N ASN B 189 -5.30 -11.06 1.21
CA ASN B 189 -5.61 -9.97 2.16
C ASN B 189 -5.68 -10.55 3.55
N LEU B 190 -5.94 -9.72 4.57
CA LEU B 190 -6.15 -10.20 5.95
C LEU B 190 -7.57 -9.89 6.42
N MET B 191 -8.51 -10.02 5.49
CA MET B 191 -9.90 -9.63 5.75
C MET B 191 -10.64 -10.74 6.45
N VAL B 192 -10.12 -11.16 7.60
CA VAL B 192 -10.76 -12.18 8.41
C VAL B 192 -10.65 -11.74 9.85
N PHE B 193 -11.64 -12.09 10.67
CA PHE B 193 -11.55 -11.80 12.08
C PHE B 193 -10.74 -12.90 12.75
N LEU B 194 -9.51 -12.56 13.13
CA LEU B 194 -8.68 -13.50 13.87
C LEU B 194 -9.16 -13.53 15.30
#